data_7X4W
#
_entry.id   7X4W
#
_cell.length_a   84.538
_cell.length_b   99.105
_cell.length_c   143.136
_cell.angle_alpha   90.000
_cell.angle_beta   90.000
_cell.angle_gamma   90.000
#
_symmetry.space_group_name_H-M   'P 21 21 21'
#
loop_
_entity.id
_entity.type
_entity.pdbx_description
1 polymer 'Kelch-like ECH-associated protein 1'
2 non-polymer 'Dimethyl fumarate'
#
_entity_poly.entity_id   1
_entity_poly.type   'polypeptide(L)'
_entity_poly.pdbx_seq_one_letter_code
;SEGSHMGNRTFSYTLEDHTKQAFGIMNELRLSQQLCDVTLQVKYQDAPAAQFMAHKVVLASSSPVFKAMFTNGLREQGME
VVSIEGIHPKVMERLIEFAYTASISMGEKCVLHVMNGAVMYQIDSVVRACADFLVQQLD
;
_entity_poly.pdbx_strand_id   A,C,D,E,F,B
#
loop_
_chem_comp.id
_chem_comp.type
_chem_comp.name
_chem_comp.formula
9HB non-polymer 'Dimethyl fumarate' 'C6 H10 O4'
#
# COMPACT_ATOMS: atom_id res chain seq x y z
N ARG A 9 -3.76 -14.27 -35.76
CA ARG A 9 -4.73 -15.20 -35.19
C ARG A 9 -4.65 -15.20 -33.67
N THR A 10 -5.57 -15.92 -33.03
CA THR A 10 -5.60 -16.07 -31.58
C THR A 10 -6.05 -17.49 -31.24
N PHE A 11 -5.11 -18.32 -30.80
CA PHE A 11 -5.40 -19.71 -30.48
C PHE A 11 -5.70 -19.84 -28.99
N SER A 12 -6.82 -20.47 -28.68
CA SER A 12 -7.25 -20.69 -27.30
C SER A 12 -7.48 -22.17 -27.06
N TYR A 13 -7.18 -22.61 -25.84
CA TYR A 13 -7.32 -24.01 -25.47
C TYR A 13 -7.84 -24.10 -24.04
N THR A 14 -8.81 -24.98 -23.81
CA THR A 14 -9.38 -25.21 -22.49
C THR A 14 -9.42 -26.71 -22.23
N LEU A 15 -8.57 -27.17 -21.30
CA LEU A 15 -8.65 -28.55 -20.84
C LEU A 15 -9.89 -28.71 -19.96
N GLU A 16 -10.83 -29.55 -20.42
CA GLU A 16 -12.13 -29.63 -19.77
C GLU A 16 -12.02 -30.21 -18.36
N ASP A 17 -11.53 -31.45 -18.25
CA ASP A 17 -11.44 -32.13 -16.96
C ASP A 17 -10.18 -31.76 -16.19
N HIS A 18 -9.62 -30.57 -16.40
CA HIS A 18 -8.45 -30.15 -15.64
C HIS A 18 -8.79 -30.00 -14.16
N THR A 19 -9.90 -29.33 -13.86
CA THR A 19 -10.32 -29.16 -12.47
C THR A 19 -10.61 -30.50 -11.81
N LYS A 20 -11.05 -31.49 -12.58
CA LYS A 20 -11.23 -32.83 -12.03
C LYS A 20 -9.89 -33.47 -11.68
N GLN A 21 -8.90 -33.34 -12.56
CA GLN A 21 -7.60 -33.96 -12.32
C GLN A 21 -6.79 -33.16 -11.31
N ALA A 22 -6.90 -31.84 -11.33
CA ALA A 22 -6.17 -31.02 -10.36
C ALA A 22 -6.64 -31.28 -8.94
N PHE A 23 -7.96 -31.42 -8.75
CA PHE A 23 -8.48 -31.82 -7.45
C PHE A 23 -8.09 -33.25 -7.09
N GLY A 24 -7.77 -34.08 -8.09
CA GLY A 24 -7.40 -35.46 -7.80
C GLY A 24 -6.09 -35.59 -7.06
N ILE A 25 -5.13 -34.68 -7.31
CA ILE A 25 -3.86 -34.72 -6.62
C ILE A 25 -3.75 -33.69 -5.50
N MET A 26 -4.67 -32.71 -5.46
CA MET A 26 -4.84 -31.96 -4.22
C MET A 26 -5.30 -32.87 -3.09
N ASN A 27 -6.06 -33.91 -3.41
CA ASN A 27 -6.41 -34.92 -2.43
C ASN A 27 -5.20 -35.77 -2.05
N GLU A 28 -4.27 -35.96 -2.98
CA GLU A 28 -3.05 -36.70 -2.66
C GLU A 28 -2.19 -35.94 -1.67
N LEU A 29 -2.06 -34.62 -1.84
CA LEU A 29 -1.28 -33.82 -0.92
C LEU A 29 -1.90 -33.76 0.46
N ARG A 30 -3.22 -33.89 0.55
CA ARG A 30 -3.89 -33.93 1.85
C ARG A 30 -3.61 -35.23 2.57
N LEU A 31 -3.73 -36.36 1.86
CA LEU A 31 -3.46 -37.66 2.47
C LEU A 31 -1.98 -37.82 2.80
N SER A 32 -1.11 -37.40 1.88
CA SER A 32 0.33 -37.44 2.14
C SER A 32 0.78 -36.37 3.12
N GLN A 33 -0.12 -35.47 3.53
CA GLN A 33 0.17 -34.42 4.50
C GLN A 33 1.31 -33.51 4.01
N GLN A 34 1.07 -32.89 2.86
CA GLN A 34 2.03 -31.97 2.26
C GLN A 34 1.31 -30.66 1.92
N LEU A 35 2.02 -29.55 2.13
CA LEU A 35 1.50 -28.20 1.88
C LEU A 35 0.30 -27.86 2.74
N CYS A 36 0.09 -28.57 3.84
CA CYS A 36 -1.02 -28.30 4.73
C CYS A 36 -0.72 -27.10 5.63
N ASP A 37 -1.72 -26.23 5.78
CA ASP A 37 -1.57 -25.03 6.60
C ASP A 37 -2.66 -24.91 7.67
N VAL A 38 -3.48 -25.94 7.85
CA VAL A 38 -4.52 -25.93 8.88
C VAL A 38 -4.70 -27.35 9.37
N THR A 39 -4.97 -27.49 10.67
CA THR A 39 -5.23 -28.79 11.29
C THR A 39 -6.54 -28.70 12.06
N LEU A 40 -7.56 -29.39 11.55
CA LEU A 40 -8.89 -29.34 12.15
C LEU A 40 -9.02 -30.48 13.14
N GLN A 41 -8.60 -30.23 14.39
CA GLN A 41 -8.83 -31.18 15.48
C GLN A 41 -10.20 -30.90 16.07
N VAL A 42 -11.12 -31.86 15.92
CA VAL A 42 -12.51 -31.69 16.33
C VAL A 42 -12.81 -32.71 17.42
N LYS A 43 -13.33 -32.22 18.55
CA LYS A 43 -13.72 -33.07 19.66
C LYS A 43 -15.23 -32.93 19.87
N TYR A 44 -15.91 -34.07 19.98
CA TYR A 44 -17.35 -34.10 20.13
C TYR A 44 -17.72 -34.81 21.42
N GLN A 45 -18.85 -34.42 22.01
CA GLN A 45 -19.31 -35.03 23.25
C GLN A 45 -19.59 -36.52 23.04
N ASP A 46 -18.93 -37.35 23.84
CA ASP A 46 -19.03 -38.81 23.73
C ASP A 46 -18.61 -39.28 22.33
N ALA A 47 -17.37 -38.96 21.98
CA ALA A 47 -16.82 -39.31 20.68
C ALA A 47 -15.30 -39.23 20.76
N PRO A 48 -14.58 -40.10 20.05
CA PRO A 48 -13.11 -40.03 20.07
C PRO A 48 -12.62 -38.80 19.32
N ALA A 49 -11.68 -38.08 19.93
CA ALA A 49 -11.11 -36.90 19.30
C ALA A 49 -10.31 -37.30 18.06
N ALA A 50 -10.38 -36.46 17.03
CA ALA A 50 -9.73 -36.73 15.76
C ALA A 50 -9.03 -35.48 15.25
N GLN A 51 -8.22 -35.66 14.21
CA GLN A 51 -7.49 -34.57 13.59
C GLN A 51 -7.49 -34.77 12.08
N PHE A 52 -7.73 -33.69 11.34
CA PHE A 52 -7.70 -33.71 9.88
C PHE A 52 -6.89 -32.51 9.41
N MET A 53 -5.77 -32.79 8.72
CA MET A 53 -4.96 -31.73 8.13
C MET A 53 -5.42 -31.51 6.69
N ALA A 54 -5.66 -30.24 6.35
CA ALA A 54 -6.15 -29.88 5.02
C ALA A 54 -5.49 -28.57 4.61
N HIS A 55 -5.95 -28.02 3.49
CA HIS A 55 -5.44 -26.76 2.96
C HIS A 55 -6.51 -25.69 3.11
N LYS A 56 -6.10 -24.51 3.57
CA LYS A 56 -7.07 -23.45 3.86
C LYS A 56 -7.76 -22.99 2.59
N VAL A 57 -7.02 -22.84 1.49
CA VAL A 57 -7.59 -22.28 0.27
C VAL A 57 -8.56 -23.27 -0.37
N VAL A 58 -8.33 -24.57 -0.21
CA VAL A 58 -9.20 -25.54 -0.86
C VAL A 58 -10.46 -25.79 -0.04
N LEU A 59 -10.38 -25.63 1.29
CA LEU A 59 -11.60 -25.65 2.09
C LEU A 59 -12.38 -24.36 1.95
N ALA A 60 -11.68 -23.23 1.75
CA ALA A 60 -12.36 -21.97 1.49
C ALA A 60 -13.14 -22.02 0.18
N SER A 61 -12.67 -22.83 -0.78
CA SER A 61 -13.35 -22.91 -2.07
C SER A 61 -14.65 -23.70 -2.00
N SER A 62 -14.87 -24.45 -0.92
CA SER A 62 -16.07 -25.27 -0.78
C SER A 62 -17.00 -24.84 0.34
N SER A 63 -16.60 -23.86 1.15
CA SER A 63 -17.43 -23.43 2.26
C SER A 63 -17.22 -21.94 2.54
N PRO A 64 -18.28 -21.13 2.55
CA PRO A 64 -18.10 -19.70 2.82
C PRO A 64 -17.63 -19.40 4.23
N VAL A 65 -18.00 -20.22 5.22
CA VAL A 65 -17.54 -19.95 6.58
C VAL A 65 -16.13 -20.50 6.77
N PHE A 66 -15.76 -21.59 6.08
CA PHE A 66 -14.36 -21.97 6.03
C PHE A 66 -13.53 -20.88 5.35
N LYS A 67 -14.11 -20.24 4.33
CA LYS A 67 -13.45 -19.11 3.70
C LYS A 67 -13.34 -17.92 4.63
N ALA A 68 -14.38 -17.69 5.44
CA ALA A 68 -14.36 -16.56 6.38
C ALA A 68 -13.45 -16.83 7.56
N MET A 69 -13.35 -18.08 8.02
CA MET A 69 -12.49 -18.40 9.15
C MET A 69 -11.03 -18.11 8.84
N PHE A 70 -10.62 -18.26 7.58
CA PHE A 70 -9.22 -18.20 7.22
C PHE A 70 -8.81 -16.89 6.56
N THR A 71 -9.76 -16.05 6.17
CA THR A 71 -9.42 -14.82 5.44
C THR A 71 -9.37 -13.58 6.32
N ASN A 72 -10.14 -13.53 7.40
CA ASN A 72 -10.16 -12.36 8.27
C ASN A 72 -9.74 -12.75 9.68
N GLY A 73 -9.35 -11.75 10.46
CA GLY A 73 -8.79 -11.98 11.77
C GLY A 73 -7.30 -12.25 11.70
N LEU A 74 -6.70 -12.37 12.89
CA LEU A 74 -5.27 -12.62 13.01
C LEU A 74 -5.05 -14.13 12.98
N ARG A 75 -4.57 -14.64 11.85
CA ARG A 75 -4.39 -16.06 11.65
C ARG A 75 -2.92 -16.44 11.82
N GLU A 76 -2.70 -17.66 12.31
CA GLU A 76 -1.35 -18.17 12.48
C GLU A 76 -0.79 -18.65 11.15
N GLN A 77 0.42 -18.22 10.83
CA GLN A 77 1.08 -18.64 9.61
C GLN A 77 1.72 -20.01 9.80
N GLY A 78 2.28 -20.56 8.73
CA GLY A 78 2.81 -21.90 8.77
C GLY A 78 1.71 -22.94 8.79
N MET A 79 1.22 -23.25 9.99
CA MET A 79 0.04 -24.10 10.13
C MET A 79 -0.72 -23.68 11.38
N GLU A 80 -2.04 -23.52 11.24
CA GLU A 80 -2.90 -23.08 12.33
C GLU A 80 -3.74 -24.25 12.82
N VAL A 81 -3.67 -24.52 14.10
CA VAL A 81 -4.50 -25.55 14.73
C VAL A 81 -5.83 -24.91 15.11
N VAL A 82 -6.93 -25.48 14.62
CA VAL A 82 -8.26 -24.94 14.82
C VAL A 82 -9.08 -25.93 15.62
N SER A 83 -9.50 -25.53 16.81
CA SER A 83 -10.38 -26.35 17.64
C SER A 83 -11.81 -26.17 17.17
N ILE A 84 -12.48 -27.27 16.85
CA ILE A 84 -13.84 -27.26 16.31
C ILE A 84 -14.73 -28.13 17.19
N GLU A 85 -15.87 -27.58 17.59
CA GLU A 85 -16.85 -28.30 18.40
C GLU A 85 -18.21 -28.18 17.73
N GLY A 86 -19.09 -29.14 18.03
CA GLY A 86 -20.46 -29.11 17.57
C GLY A 86 -20.84 -30.22 16.62
N ILE A 87 -19.89 -30.78 15.88
CA ILE A 87 -20.18 -31.85 14.93
C ILE A 87 -19.27 -33.04 15.20
N HIS A 88 -19.78 -34.23 14.88
CA HIS A 88 -19.02 -35.45 15.10
C HIS A 88 -17.84 -35.50 14.13
N PRO A 89 -16.69 -36.03 14.56
CA PRO A 89 -15.55 -36.11 13.63
C PRO A 89 -15.82 -36.97 12.42
N LYS A 90 -16.69 -37.98 12.52
CA LYS A 90 -17.05 -38.79 11.37
C LYS A 90 -17.93 -38.04 10.39
N VAL A 91 -18.46 -36.89 10.77
CA VAL A 91 -19.23 -36.05 9.85
C VAL A 91 -18.33 -35.02 9.17
N MET A 92 -17.40 -34.43 9.92
CA MET A 92 -16.42 -33.53 9.33
C MET A 92 -15.57 -34.24 8.27
N GLU A 93 -15.34 -35.54 8.44
CA GLU A 93 -14.53 -36.28 7.49
C GLU A 93 -15.34 -36.35 6.19
N ARG A 94 -16.65 -36.59 6.30
CA ARG A 94 -17.48 -36.63 5.10
C ARG A 94 -17.51 -35.29 4.33
N LEU A 95 -17.56 -34.19 5.08
CA LEU A 95 -17.42 -32.88 4.47
C LEU A 95 -16.09 -32.51 3.84
N ILE A 96 -14.99 -32.84 4.52
CA ILE A 96 -13.67 -32.55 3.97
C ILE A 96 -13.42 -33.36 2.71
N GLU A 97 -13.83 -34.64 2.72
CA GLU A 97 -13.64 -35.46 1.52
C GLU A 97 -14.46 -34.92 0.36
N PHE A 98 -15.67 -34.44 0.62
CA PHE A 98 -16.46 -33.83 -0.44
C PHE A 98 -15.78 -32.59 -1.00
N ALA A 99 -15.09 -31.83 -0.14
CA ALA A 99 -14.36 -30.66 -0.61
C ALA A 99 -13.17 -31.04 -1.48
N TYR A 100 -12.66 -32.26 -1.35
CA TYR A 100 -11.50 -32.71 -2.11
C TYR A 100 -11.85 -33.61 -3.29
N THR A 101 -12.94 -34.37 -3.21
CA THR A 101 -13.30 -35.31 -4.27
C THR A 101 -14.65 -35.04 -4.90
N ALA A 102 -15.39 -34.03 -4.42
CA ALA A 102 -16.69 -33.65 -4.97
C ALA A 102 -17.70 -34.79 -4.88
N SER A 103 -17.55 -35.67 -3.89
CA SER A 103 -18.46 -36.77 -3.70
C SER A 103 -18.54 -37.11 -2.22
N ILE A 104 -19.61 -37.79 -1.84
CA ILE A 104 -19.86 -38.12 -0.44
C ILE A 104 -20.78 -39.33 -0.38
N SER A 105 -20.49 -40.23 0.55
CA SER A 105 -21.27 -41.45 0.74
C SER A 105 -21.29 -41.79 2.23
N MET A 106 -22.37 -42.45 2.64
CA MET A 106 -22.59 -42.82 4.04
C MET A 106 -23.75 -43.79 4.09
N GLY A 107 -24.17 -44.15 5.31
CA GLY A 107 -25.36 -44.96 5.49
C GLY A 107 -26.60 -44.10 5.72
N GLU A 108 -27.76 -44.77 5.66
CA GLU A 108 -29.03 -44.06 5.80
C GLU A 108 -29.26 -43.51 7.20
N LYS A 109 -28.49 -43.94 8.19
CA LYS A 109 -28.68 -43.52 9.57
C LYS A 109 -27.84 -42.31 9.95
N CYS A 110 -27.16 -41.69 8.98
CA CYS A 110 -26.30 -40.55 9.27
C CYS A 110 -26.50 -39.39 8.31
N VAL A 111 -27.38 -39.51 7.32
CA VAL A 111 -27.61 -38.41 6.39
C VAL A 111 -28.20 -37.19 7.09
N LEU A 112 -28.86 -37.39 8.23
CA LEU A 112 -29.39 -36.26 8.98
C LEU A 112 -28.26 -35.47 9.65
N HIS A 113 -27.32 -36.16 10.28
CA HIS A 113 -26.23 -35.47 10.96
C HIS A 113 -25.29 -34.80 9.96
N VAL A 114 -25.07 -35.44 8.80
CA VAL A 114 -24.22 -34.83 7.78
C VAL A 114 -24.87 -33.59 7.20
N MET A 115 -26.20 -33.58 7.09
CA MET A 115 -26.90 -32.38 6.61
C MET A 115 -26.69 -31.22 7.57
N ASN A 116 -26.86 -31.47 8.87
CA ASN A 116 -26.66 -30.40 9.85
C ASN A 116 -25.23 -29.90 9.85
N GLY A 117 -24.26 -30.80 9.71
CA GLY A 117 -22.87 -30.39 9.59
C GLY A 117 -22.59 -29.60 8.33
N ALA A 118 -23.33 -29.91 7.25
CA ALA A 118 -23.14 -29.18 6.01
C ALA A 118 -23.86 -27.84 6.01
N VAL A 119 -24.91 -27.69 6.81
CA VAL A 119 -25.58 -26.40 6.95
C VAL A 119 -24.67 -25.42 7.69
N MET A 120 -24.02 -25.89 8.76
CA MET A 120 -23.16 -25.00 9.56
C MET A 120 -22.01 -24.44 8.71
N TYR A 121 -21.48 -25.25 7.81
CA TYR A 121 -20.41 -24.82 6.92
C TYR A 121 -20.93 -24.37 5.56
N GLN A 122 -22.26 -24.28 5.40
CA GLN A 122 -22.89 -23.70 4.22
C GLN A 122 -22.47 -24.38 2.92
N ILE A 123 -22.15 -25.68 3.00
CA ILE A 123 -21.92 -26.47 1.80
C ILE A 123 -23.27 -26.81 1.22
N ASP A 124 -23.87 -25.87 0.48
CA ASP A 124 -25.27 -25.97 0.09
C ASP A 124 -25.54 -27.14 -0.85
N SER A 125 -24.56 -27.53 -1.66
CA SER A 125 -24.76 -28.66 -2.55
C SER A 125 -24.93 -29.96 -1.78
N VAL A 126 -24.49 -30.01 -0.52
CA VAL A 126 -24.69 -31.20 0.30
C VAL A 126 -26.00 -31.12 1.09
N VAL A 127 -26.39 -29.92 1.53
CA VAL A 127 -27.64 -29.80 2.28
C VAL A 127 -28.84 -30.06 1.38
N ARG A 128 -28.69 -29.82 0.07
CA ARG A 128 -29.75 -30.14 -0.87
C ARG A 128 -29.69 -31.60 -1.29
N ALA A 129 -28.50 -32.20 -1.27
CA ALA A 129 -28.39 -33.62 -1.58
C ALA A 129 -28.95 -34.47 -0.44
N CYS A 130 -28.63 -34.10 0.81
CA CYS A 130 -29.19 -34.82 1.95
C CYS A 130 -30.70 -34.61 2.06
N ALA A 131 -31.20 -33.46 1.59
CA ALA A 131 -32.63 -33.20 1.63
C ALA A 131 -33.37 -34.03 0.59
N ASP A 132 -32.81 -34.12 -0.63
CA ASP A 132 -33.44 -34.91 -1.68
C ASP A 132 -33.42 -36.41 -1.38
N PHE A 133 -32.53 -36.85 -0.49
CA PHE A 133 -32.50 -38.27 -0.13
C PHE A 133 -33.62 -38.61 0.83
N LEU A 134 -33.96 -37.69 1.74
CA LEU A 134 -35.00 -37.93 2.74
C LEU A 134 -36.41 -37.66 2.22
N VAL A 135 -36.60 -37.63 0.90
CA VAL A 135 -37.93 -37.43 0.32
C VAL A 135 -38.26 -38.58 -0.63
N ARG B 9 6.67 -19.32 16.06
CA ARG B 9 5.26 -19.13 15.75
C ARG B 9 5.00 -17.71 15.23
N THR B 10 4.41 -17.62 14.05
CA THR B 10 4.14 -16.34 13.40
C THR B 10 2.64 -16.18 13.18
N PHE B 11 2.15 -14.96 13.37
CA PHE B 11 0.74 -14.63 13.18
C PHE B 11 0.64 -13.41 12.27
N SER B 12 -0.41 -13.38 11.45
CA SER B 12 -0.58 -12.32 10.47
C SER B 12 -2.05 -11.90 10.40
N TYR B 13 -2.26 -10.61 10.14
CA TYR B 13 -3.60 -10.06 9.99
C TYR B 13 -3.61 -9.09 8.81
N THR B 14 -4.74 -9.03 8.11
CA THR B 14 -4.89 -8.19 6.94
C THR B 14 -6.28 -7.57 6.91
N LEU B 15 -6.33 -6.26 6.70
CA LEU B 15 -7.59 -5.55 6.51
C LEU B 15 -7.75 -5.24 5.02
N GLU B 16 -8.69 -5.93 4.37
CA GLU B 16 -8.89 -5.75 2.93
C GLU B 16 -9.46 -4.36 2.63
N ASP B 17 -10.33 -3.86 3.50
CA ASP B 17 -10.97 -2.56 3.29
C ASP B 17 -10.04 -1.39 3.55
N HIS B 18 -8.78 -1.64 3.91
CA HIS B 18 -7.91 -0.58 4.38
C HIS B 18 -7.54 0.40 3.26
N THR B 19 -7.12 -0.13 2.10
CA THR B 19 -6.59 0.73 1.04
C THR B 19 -7.64 1.72 0.56
N LYS B 20 -8.86 1.23 0.29
CA LYS B 20 -9.93 2.14 -0.12
C LYS B 20 -10.36 3.05 1.02
N GLN B 21 -10.21 2.59 2.27
CA GLN B 21 -10.54 3.43 3.41
C GLN B 21 -9.52 4.56 3.59
N ALA B 22 -8.25 4.28 3.34
CA ALA B 22 -7.23 5.31 3.51
C ALA B 22 -7.27 6.34 2.40
N PHE B 23 -7.62 5.94 1.17
CA PHE B 23 -7.70 6.88 0.07
C PHE B 23 -8.79 7.92 0.28
N GLY B 24 -9.88 7.54 0.94
CA GLY B 24 -10.92 8.51 1.26
C GLY B 24 -10.43 9.60 2.19
N ILE B 25 -9.62 9.24 3.18
CA ILE B 25 -9.05 10.24 4.08
C ILE B 25 -7.99 11.07 3.35
N MET B 26 -7.21 10.43 2.47
CA MET B 26 -6.27 11.18 1.64
C MET B 26 -7.01 12.19 0.77
N ASN B 27 -8.15 11.79 0.21
CA ASN B 27 -8.94 12.73 -0.59
C ASN B 27 -9.55 13.82 0.26
N GLU B 28 -9.87 13.52 1.52
CA GLU B 28 -10.34 14.56 2.44
C GLU B 28 -9.25 15.59 2.70
N LEU B 29 -7.98 15.15 2.74
CA LEU B 29 -6.88 16.09 2.97
C LEU B 29 -6.60 16.95 1.75
N ARG B 30 -6.81 16.40 0.55
CA ARG B 30 -6.61 17.19 -0.67
C ARG B 30 -7.61 18.34 -0.73
N LEU B 31 -8.88 18.05 -0.46
CA LEU B 31 -9.91 19.08 -0.46
C LEU B 31 -9.77 20.06 0.70
N SER B 32 -8.97 19.73 1.71
CA SER B 32 -8.77 20.58 2.86
C SER B 32 -7.48 21.40 2.78
N GLN B 33 -6.76 21.32 1.66
CA GLN B 33 -5.50 22.04 1.43
C GLN B 33 -4.45 21.72 2.48
N GLN B 34 -4.56 20.57 3.14
CA GLN B 34 -3.66 20.19 4.22
C GLN B 34 -2.71 19.10 3.75
N LEU B 35 -1.47 19.15 4.24
CA LEU B 35 -0.41 18.21 3.94
C LEU B 35 -0.04 18.16 2.46
N CYS B 36 -0.46 19.17 1.68
CA CYS B 36 -0.12 19.21 0.27
C CYS B 36 1.31 19.68 0.07
N ASP B 37 1.95 19.15 -0.98
CA ASP B 37 3.32 19.49 -1.28
C ASP B 37 3.56 19.76 -2.77
N VAL B 38 2.51 19.91 -3.56
CA VAL B 38 2.64 20.25 -4.97
C VAL B 38 1.41 21.04 -5.39
N THR B 39 1.61 22.02 -6.27
CA THR B 39 0.53 22.88 -6.76
C THR B 39 0.59 22.91 -8.28
N LEU B 40 -0.29 22.14 -8.93
CA LEU B 40 -0.36 22.11 -10.38
C LEU B 40 -1.24 23.26 -10.87
N GLN B 41 -0.64 24.18 -11.63
CA GLN B 41 -1.36 25.28 -12.26
C GLN B 41 -1.43 24.98 -13.76
N VAL B 42 -2.59 24.55 -14.21
CA VAL B 42 -2.79 24.09 -15.58
C VAL B 42 -3.21 25.27 -16.45
N LYS B 43 -2.64 25.34 -17.65
CA LYS B 43 -2.99 26.37 -18.63
C LYS B 43 -3.14 25.70 -19.99
N TYR B 44 -4.32 25.84 -20.59
CA TYR B 44 -4.62 25.27 -21.89
C TYR B 44 -5.00 26.38 -22.86
N GLN B 45 -5.01 26.04 -24.15
CA GLN B 45 -5.32 27.02 -25.18
C GLN B 45 -6.75 27.54 -25.02
N ASP B 46 -6.89 28.86 -24.92
CA ASP B 46 -8.17 29.54 -24.80
C ASP B 46 -8.99 29.04 -23.61
N ALA B 47 -8.33 28.45 -22.62
CA ALA B 47 -8.99 27.94 -21.43
C ALA B 47 -8.50 28.69 -20.21
N PRO B 48 -9.38 29.12 -19.31
CA PRO B 48 -8.92 29.86 -18.12
C PRO B 48 -8.04 29.00 -17.24
N ALA B 49 -7.02 29.63 -16.68
CA ALA B 49 -6.04 28.91 -15.86
C ALA B 49 -6.69 28.41 -14.57
N ALA B 50 -6.32 27.19 -14.17
CA ALA B 50 -6.79 26.59 -12.94
C ALA B 50 -5.60 26.18 -12.08
N GLN B 51 -5.87 25.90 -10.81
CA GLN B 51 -4.84 25.49 -9.87
C GLN B 51 -5.33 24.27 -9.10
N PHE B 52 -4.42 23.33 -8.86
CA PHE B 52 -4.75 22.08 -8.18
C PHE B 52 -3.72 21.79 -7.11
N MET B 53 -4.17 21.70 -5.87
CA MET B 53 -3.32 21.27 -4.76
C MET B 53 -3.43 19.75 -4.62
N ALA B 54 -2.28 19.08 -4.55
CA ALA B 54 -2.25 17.63 -4.51
C ALA B 54 -1.05 17.17 -3.69
N HIS B 55 -0.90 15.85 -3.59
CA HIS B 55 0.20 15.22 -2.89
C HIS B 55 1.02 14.42 -3.89
N LYS B 56 2.34 14.61 -3.87
CA LYS B 56 3.20 13.98 -4.86
C LYS B 56 3.17 12.46 -4.75
N VAL B 57 3.20 11.93 -3.52
CA VAL B 57 3.34 10.49 -3.35
C VAL B 57 2.08 9.76 -3.80
N VAL B 58 0.92 10.43 -3.78
CA VAL B 58 -0.29 9.77 -4.24
C VAL B 58 -0.46 9.92 -5.74
N LEU B 59 0.12 10.97 -6.34
CA LEU B 59 0.14 11.06 -7.79
C LEU B 59 1.22 10.15 -8.38
N ALA B 60 2.34 9.99 -7.69
CA ALA B 60 3.37 9.06 -8.11
C ALA B 60 2.90 7.62 -8.03
N SER B 61 1.88 7.33 -7.23
CA SER B 61 1.34 5.99 -7.08
C SER B 61 0.24 5.66 -8.09
N SER B 62 -0.30 6.67 -8.78
CA SER B 62 -1.37 6.46 -9.74
C SER B 62 -0.95 6.64 -11.18
N SER B 63 0.22 7.24 -11.44
CA SER B 63 0.68 7.45 -12.79
C SER B 63 2.20 7.50 -12.81
N PRO B 64 2.85 6.75 -13.71
CA PRO B 64 4.33 6.77 -13.75
C PRO B 64 4.91 8.07 -14.27
N VAL B 65 4.13 8.88 -15.00
CA VAL B 65 4.66 10.14 -15.49
C VAL B 65 4.82 11.13 -14.33
N PHE B 66 3.86 11.14 -13.40
CA PHE B 66 3.97 12.00 -12.23
C PHE B 66 5.15 11.59 -11.36
N LYS B 67 5.46 10.29 -11.29
CA LYS B 67 6.58 9.86 -10.46
C LYS B 67 7.92 10.21 -11.10
N ALA B 68 8.01 10.17 -12.44
CA ALA B 68 9.25 10.56 -13.09
C ALA B 68 9.47 12.06 -13.01
N MET B 69 8.38 12.84 -12.98
CA MET B 69 8.48 14.29 -12.85
C MET B 69 8.83 14.70 -11.43
N PHE B 70 8.50 13.88 -10.43
CA PHE B 70 8.69 14.25 -9.03
C PHE B 70 9.87 13.58 -8.36
N THR B 71 10.22 12.36 -8.76
CA THR B 71 11.25 11.58 -8.07
C THR B 71 12.61 11.72 -8.75
N ASN B 72 13.02 12.95 -9.02
CA ASN B 72 14.39 13.23 -9.45
C ASN B 72 14.65 14.71 -9.26
N GLY B 73 15.93 15.05 -9.19
CA GLY B 73 16.34 16.43 -9.00
C GLY B 73 16.55 16.81 -7.55
N GLY B 78 10.10 20.98 0.21
CA GLY B 78 8.96 21.87 0.29
C GLY B 78 7.98 21.68 -0.84
N MET B 79 7.11 22.68 -1.04
CA MET B 79 6.11 22.65 -2.10
C MET B 79 6.64 23.40 -3.32
N GLU B 80 6.77 22.70 -4.44
CA GLU B 80 7.11 23.32 -5.71
C GLU B 80 5.87 23.45 -6.57
N VAL B 81 5.78 24.55 -7.31
CA VAL B 81 4.67 24.79 -8.22
C VAL B 81 5.09 24.34 -9.61
N VAL B 82 4.31 23.45 -10.20
CA VAL B 82 4.59 22.89 -11.52
C VAL B 82 3.60 23.49 -12.52
N SER B 83 4.13 24.00 -13.63
CA SER B 83 3.31 24.58 -14.68
C SER B 83 3.23 23.56 -15.82
N ILE B 84 2.18 22.75 -15.79
CA ILE B 84 1.96 21.74 -16.83
C ILE B 84 1.21 22.38 -17.98
N GLU B 85 1.48 21.89 -19.19
CA GLU B 85 0.87 22.42 -20.40
C GLU B 85 0.40 21.28 -21.28
N GLY B 86 -0.43 21.62 -22.27
CA GLY B 86 -0.92 20.63 -23.21
C GLY B 86 -2.03 19.75 -22.70
N ILE B 87 -2.79 20.21 -21.72
CA ILE B 87 -3.92 19.45 -21.19
C ILE B 87 -4.93 20.42 -20.62
N HIS B 88 -6.22 20.14 -20.84
CA HIS B 88 -7.27 21.03 -20.36
C HIS B 88 -7.47 20.83 -18.87
N PRO B 89 -7.69 21.92 -18.12
CA PRO B 89 -7.87 21.78 -16.65
C PRO B 89 -9.06 20.91 -16.27
N LYS B 90 -10.15 20.96 -17.04
CA LYS B 90 -11.29 20.10 -16.75
C LYS B 90 -10.94 18.63 -16.94
N VAL B 91 -10.02 18.33 -17.84
CA VAL B 91 -9.56 16.95 -18.02
C VAL B 91 -8.68 16.53 -16.84
N MET B 92 -7.63 17.32 -16.57
CA MET B 92 -6.70 16.99 -15.48
C MET B 92 -7.41 16.80 -14.15
N GLU B 93 -8.48 17.54 -13.90
CA GLU B 93 -9.22 17.39 -12.66
C GLU B 93 -9.81 15.99 -12.52
N ARG B 94 -10.13 15.34 -13.65
CA ARG B 94 -10.66 13.99 -13.60
C ARG B 94 -9.56 12.96 -13.34
N LEU B 95 -8.37 13.18 -13.92
CA LEU B 95 -7.25 12.29 -13.61
C LEU B 95 -6.83 12.42 -12.16
N ILE B 96 -6.85 13.64 -11.61
CA ILE B 96 -6.55 13.82 -10.20
C ILE B 96 -7.64 13.18 -9.34
N GLU B 97 -8.90 13.37 -9.73
CA GLU B 97 -10.01 12.76 -9.00
C GLU B 97 -9.99 11.24 -9.10
N PHE B 98 -9.40 10.69 -10.17
CA PHE B 98 -9.23 9.25 -10.24
C PHE B 98 -8.06 8.77 -9.38
N ALA B 99 -7.03 9.60 -9.23
CA ALA B 99 -5.88 9.21 -8.41
C ALA B 99 -6.22 9.16 -6.92
N TYR B 100 -7.30 9.81 -6.50
CA TYR B 100 -7.69 9.84 -5.10
C TYR B 100 -8.87 8.95 -4.78
N THR B 101 -9.73 8.66 -5.76
CA THR B 101 -10.94 7.88 -5.52
C THR B 101 -11.03 6.61 -6.36
N ALA B 102 -10.15 6.41 -7.34
CA ALA B 102 -10.22 5.27 -8.25
C ALA B 102 -11.57 5.19 -8.96
N SER B 103 -12.12 6.36 -9.28
CA SER B 103 -13.41 6.45 -9.95
C SER B 103 -13.45 7.76 -10.74
N ILE B 104 -13.63 7.66 -12.06
CA ILE B 104 -13.63 8.82 -12.94
C ILE B 104 -14.93 8.83 -13.73
N SER B 105 -15.63 9.97 -13.70
CA SER B 105 -16.89 10.14 -14.41
C SER B 105 -16.77 11.29 -15.40
N MET B 106 -17.45 11.16 -16.54
CA MET B 106 -17.43 12.17 -17.58
C MET B 106 -18.83 12.25 -18.18
N GLY B 107 -18.91 12.84 -19.38
CA GLY B 107 -20.07 12.73 -20.23
C GLY B 107 -19.71 11.96 -21.50
N GLU B 108 -20.74 11.76 -22.33
CA GLU B 108 -20.54 11.03 -23.58
C GLU B 108 -19.61 11.75 -24.54
N LYS B 109 -19.39 13.05 -24.37
CA LYS B 109 -18.55 13.81 -25.27
C LYS B 109 -17.14 14.05 -24.74
N CYS B 110 -16.92 13.89 -23.44
CA CYS B 110 -15.62 14.14 -22.83
C CYS B 110 -14.75 12.90 -22.74
N VAL B 111 -15.19 11.76 -23.28
CA VAL B 111 -14.43 10.53 -23.15
C VAL B 111 -13.13 10.60 -23.96
N LEU B 112 -13.19 11.19 -25.15
CA LEU B 112 -12.00 11.25 -25.99
C LEU B 112 -10.92 12.13 -25.36
N HIS B 113 -11.33 13.24 -24.73
CA HIS B 113 -10.35 14.16 -24.15
C HIS B 113 -9.60 13.53 -22.99
N VAL B 114 -10.32 12.89 -22.06
CA VAL B 114 -9.66 12.32 -20.90
C VAL B 114 -8.76 11.17 -21.28
N MET B 115 -9.06 10.48 -22.39
CA MET B 115 -8.18 9.42 -22.85
C MET B 115 -6.88 9.97 -23.41
N ASN B 116 -6.93 11.18 -23.98
CA ASN B 116 -5.71 11.82 -24.45
C ASN B 116 -4.81 12.23 -23.29
N GLY B 117 -5.40 12.88 -22.28
CA GLY B 117 -4.65 13.21 -21.08
C GLY B 117 -4.26 12.01 -20.25
N ALA B 118 -4.93 10.87 -20.45
CA ALA B 118 -4.60 9.66 -19.71
C ALA B 118 -3.33 9.02 -20.24
N VAL B 119 -3.14 9.02 -21.57
CA VAL B 119 -1.89 8.50 -22.13
C VAL B 119 -0.76 9.51 -21.98
N MET B 120 -1.07 10.80 -21.78
CA MET B 120 -0.04 11.77 -21.48
C MET B 120 0.65 11.44 -20.17
N TYR B 121 -0.13 11.08 -19.15
CA TYR B 121 0.41 10.73 -17.85
C TYR B 121 0.40 9.23 -17.60
N GLN B 122 0.07 8.44 -18.62
CA GLN B 122 0.26 6.99 -18.61
C GLN B 122 -0.53 6.31 -17.48
N ILE B 123 -1.72 6.81 -17.21
CA ILE B 123 -2.64 6.10 -16.32
C ILE B 123 -3.23 4.95 -17.11
N ASP B 124 -2.50 3.83 -17.15
CA ASP B 124 -2.81 2.74 -18.08
C ASP B 124 -4.16 2.09 -17.81
N SER B 125 -4.74 2.29 -16.62
CA SER B 125 -6.03 1.68 -16.32
C SER B 125 -7.14 2.36 -17.09
N VAL B 126 -7.22 3.69 -17.01
CA VAL B 126 -8.34 4.42 -17.61
C VAL B 126 -8.21 4.56 -19.12
N VAL B 127 -7.05 4.26 -19.69
CA VAL B 127 -6.94 4.29 -21.15
C VAL B 127 -7.64 3.10 -21.78
N ARG B 128 -7.62 1.94 -21.11
CA ARG B 128 -8.32 0.77 -21.61
C ARG B 128 -9.79 0.79 -21.24
N ALA B 129 -10.18 1.62 -20.28
CA ALA B 129 -11.60 1.79 -19.96
C ALA B 129 -12.26 2.80 -20.88
N CYS B 130 -11.52 3.81 -21.33
CA CYS B 130 -12.06 4.77 -22.29
C CYS B 130 -12.08 4.20 -23.70
N ALA B 131 -11.03 3.47 -24.09
CA ALA B 131 -11.00 2.88 -25.41
C ALA B 131 -12.07 1.80 -25.57
N ASP B 132 -12.26 0.98 -24.54
CA ASP B 132 -13.30 -0.04 -24.57
C ASP B 132 -14.70 0.52 -24.30
N PHE B 133 -14.84 1.85 -24.25
CA PHE B 133 -16.14 2.50 -24.22
C PHE B 133 -16.49 3.13 -25.56
N LEU B 134 -15.50 3.72 -26.24
CA LEU B 134 -15.76 4.32 -27.55
C LEU B 134 -16.22 3.27 -28.55
N VAL B 135 -15.60 2.09 -28.52
CA VAL B 135 -16.02 1.01 -29.40
C VAL B 135 -17.38 0.45 -28.99
N GLN B 136 -17.81 0.69 -27.76
CA GLN B 136 -19.12 0.26 -27.30
C GLN B 136 -20.23 1.21 -27.72
N GLN B 137 -19.90 2.33 -28.37
CA GLN B 137 -20.89 3.28 -28.86
C GLN B 137 -21.01 3.23 -30.38
N LEU B 138 -20.82 2.06 -30.96
CA LEU B 138 -20.88 1.90 -32.41
C LEU B 138 -21.96 0.90 -32.82
N ARG C 9 -29.99 -48.43 3.92
CA ARG C 9 -29.64 -48.01 2.57
C ARG C 9 -28.25 -47.39 2.53
N THR C 10 -27.86 -46.90 1.37
CA THR C 10 -26.54 -46.28 1.18
C THR C 10 -26.72 -45.03 0.31
N PHE C 11 -26.49 -43.87 0.90
CA PHE C 11 -26.62 -42.61 0.19
C PHE C 11 -25.31 -42.24 -0.50
N SER C 12 -25.43 -41.74 -1.73
CA SER C 12 -24.28 -41.33 -2.51
C SER C 12 -24.67 -40.13 -3.37
N TYR C 13 -23.73 -39.21 -3.55
CA TYR C 13 -23.99 -38.00 -4.31
C TYR C 13 -22.69 -37.44 -4.85
N THR C 14 -22.72 -36.98 -6.11
CA THR C 14 -21.57 -36.39 -6.77
C THR C 14 -22.00 -35.10 -7.45
N LEU C 15 -21.45 -33.97 -7.00
CA LEU C 15 -21.68 -32.70 -7.66
C LEU C 15 -20.70 -32.54 -8.81
N GLU C 16 -21.21 -32.46 -10.04
CA GLU C 16 -20.35 -32.44 -11.21
C GLU C 16 -19.67 -31.09 -11.38
N ASP C 17 -20.42 -30.00 -11.23
CA ASP C 17 -19.89 -28.66 -11.41
C ASP C 17 -19.10 -28.16 -10.20
N HIS C 18 -18.72 -29.05 -9.28
CA HIS C 18 -18.06 -28.63 -8.05
C HIS C 18 -16.65 -28.12 -8.32
N THR C 19 -15.82 -28.94 -8.97
CA THR C 19 -14.42 -28.57 -9.17
C THR C 19 -14.29 -27.30 -10.03
N LYS C 20 -15.25 -27.07 -10.92
CA LYS C 20 -15.24 -25.83 -11.70
C LYS C 20 -15.55 -24.62 -10.80
N GLN C 21 -16.54 -24.77 -9.91
CA GLN C 21 -16.91 -23.67 -9.03
C GLN C 21 -15.82 -23.39 -8.01
N ALA C 22 -15.25 -24.44 -7.41
CA ALA C 22 -14.24 -24.25 -6.38
C ALA C 22 -13.00 -23.57 -6.95
N PHE C 23 -12.61 -23.93 -8.17
CA PHE C 23 -11.45 -23.28 -8.79
C PHE C 23 -11.74 -21.82 -9.10
N GLY C 24 -12.97 -21.52 -9.51
CA GLY C 24 -13.34 -20.13 -9.71
C GLY C 24 -13.32 -19.33 -8.42
N ILE C 25 -13.52 -20.00 -7.28
CA ILE C 25 -13.48 -19.32 -5.99
C ILE C 25 -12.04 -19.07 -5.56
N MET C 26 -11.19 -20.09 -5.61
CA MET C 26 -9.79 -19.87 -5.28
C MET C 26 -9.03 -19.15 -6.38
N ASN C 27 -9.68 -18.87 -7.52
CA ASN C 27 -9.13 -17.89 -8.45
C ASN C 27 -9.42 -16.47 -7.97
N GLU C 28 -10.61 -16.26 -7.40
CA GLU C 28 -10.90 -14.97 -6.78
C GLU C 28 -9.97 -14.69 -5.61
N LEU C 29 -9.54 -15.75 -4.91
CA LEU C 29 -8.64 -15.56 -3.78
C LEU C 29 -7.22 -15.20 -4.20
N ARG C 30 -6.77 -15.70 -5.36
CA ARG C 30 -5.44 -15.32 -5.84
C ARG C 30 -5.44 -13.91 -6.44
N LEU C 31 -6.56 -13.46 -6.98
CA LEU C 31 -6.69 -12.09 -7.47
C LEU C 31 -6.82 -11.08 -6.36
N SER C 32 -7.15 -11.52 -5.14
CA SER C 32 -7.17 -10.65 -3.98
C SER C 32 -6.06 -10.95 -2.99
N GLN C 33 -5.14 -11.87 -3.33
CA GLN C 33 -3.95 -12.14 -2.54
C GLN C 33 -4.30 -12.62 -1.14
N GLN C 34 -5.30 -13.51 -1.05
CA GLN C 34 -5.72 -14.09 0.22
C GLN C 34 -5.34 -15.57 0.27
N LEU C 35 -4.83 -16.00 1.43
CA LEU C 35 -4.43 -17.38 1.67
C LEU C 35 -3.28 -17.83 0.76
N CYS C 36 -2.54 -16.88 0.18
CA CYS C 36 -1.43 -17.21 -0.69
C CYS C 36 -0.15 -17.44 0.10
N ASP C 37 0.71 -18.32 -0.42
CA ASP C 37 1.98 -18.63 0.21
C ASP C 37 3.15 -18.58 -0.75
N VAL C 38 2.96 -18.02 -1.94
CA VAL C 38 4.03 -17.90 -2.94
C VAL C 38 4.06 -16.47 -3.45
N THR C 39 5.27 -15.99 -3.75
CA THR C 39 5.46 -14.77 -4.53
C THR C 39 6.45 -15.13 -5.64
N LEU C 40 5.92 -15.32 -6.85
CA LEU C 40 6.74 -15.73 -8.00
C LEU C 40 7.33 -14.48 -8.64
N GLN C 41 8.61 -14.25 -8.42
CA GLN C 41 9.33 -13.12 -9.01
C GLN C 41 9.91 -13.56 -10.34
N VAL C 42 9.40 -12.99 -11.43
CA VAL C 42 9.80 -13.36 -12.78
C VAL C 42 10.88 -12.40 -13.25
N LYS C 43 12.10 -12.91 -13.37
CA LYS C 43 13.25 -12.12 -13.81
C LYS C 43 13.69 -12.67 -15.17
N TYR C 44 13.33 -11.96 -16.24
CA TYR C 44 13.70 -12.35 -17.59
C TYR C 44 14.79 -11.41 -18.11
N GLN C 45 15.15 -11.58 -19.39
CA GLN C 45 16.23 -10.81 -19.99
C GLN C 45 15.73 -9.41 -20.30
N ASP C 46 16.07 -8.46 -19.43
CA ASP C 46 15.78 -7.04 -19.64
C ASP C 46 14.28 -6.77 -19.81
N ALA C 47 13.45 -7.58 -19.16
CA ALA C 47 12.02 -7.36 -19.20
C ALA C 47 11.54 -6.73 -17.90
N PRO C 48 10.46 -5.93 -17.93
CA PRO C 48 9.94 -5.35 -16.69
C PRO C 48 9.53 -6.43 -15.69
N ALA C 49 10.28 -6.52 -14.59
CA ALA C 49 10.07 -7.60 -13.62
C ALA C 49 8.68 -7.50 -13.00
N ALA C 50 7.91 -8.57 -13.12
CA ALA C 50 6.58 -8.68 -12.54
C ALA C 50 6.57 -9.75 -11.46
N GLN C 51 5.58 -9.65 -10.58
CA GLN C 51 5.41 -10.59 -9.48
C GLN C 51 4.01 -11.19 -9.54
N PHE C 52 3.91 -12.47 -9.17
CA PHE C 52 2.65 -13.19 -9.15
C PHE C 52 2.53 -13.97 -7.84
N MET C 53 1.44 -13.73 -7.12
CA MET C 53 1.15 -14.46 -5.90
C MET C 53 0.14 -15.56 -6.19
N ALA C 54 0.37 -16.73 -5.59
CA ALA C 54 -0.48 -17.89 -5.82
C ALA C 54 -0.39 -18.82 -4.61
N HIS C 55 -0.98 -20.01 -4.73
CA HIS C 55 -0.97 -21.00 -3.66
C HIS C 55 -0.13 -22.19 -4.07
N LYS C 56 0.64 -22.73 -3.12
CA LYS C 56 1.48 -23.89 -3.41
C LYS C 56 0.64 -25.10 -3.81
N VAL C 57 -0.47 -25.33 -3.11
CA VAL C 57 -1.28 -26.51 -3.37
C VAL C 57 -2.01 -26.41 -4.70
N VAL C 58 -2.27 -25.20 -5.20
CA VAL C 58 -2.93 -25.07 -6.48
C VAL C 58 -1.94 -25.23 -7.63
N LEU C 59 -0.77 -24.60 -7.51
CA LEU C 59 0.27 -24.77 -8.54
C LEU C 59 0.76 -26.20 -8.59
N ALA C 60 0.86 -26.86 -7.43
CA ALA C 60 1.23 -28.27 -7.41
C ALA C 60 0.15 -29.16 -8.01
N SER C 61 -1.11 -28.69 -8.03
CA SER C 61 -2.20 -29.47 -8.59
C SER C 61 -2.21 -29.49 -10.10
N SER C 62 -1.50 -28.56 -10.74
CA SER C 62 -1.51 -28.44 -12.19
C SER C 62 -0.14 -28.53 -12.84
N SER C 63 0.93 -28.58 -12.05
CA SER C 63 2.28 -28.66 -12.61
C SER C 63 3.14 -29.62 -11.80
N PRO C 64 3.66 -30.68 -12.42
CA PRO C 64 4.56 -31.59 -11.68
C PRO C 64 5.84 -30.93 -11.24
N VAL C 65 6.33 -29.93 -11.96
CA VAL C 65 7.53 -29.22 -11.55
C VAL C 65 7.25 -28.35 -10.33
N PHE C 66 6.12 -27.63 -10.35
CA PHE C 66 5.73 -26.85 -9.18
C PHE C 66 5.45 -27.74 -7.98
N LYS C 67 5.00 -28.98 -8.22
CA LYS C 67 4.76 -29.90 -7.11
C LYS C 67 6.09 -30.35 -6.48
N ALA C 68 7.10 -30.60 -7.30
CA ALA C 68 8.40 -31.01 -6.77
C ALA C 68 9.10 -29.85 -6.08
N MET C 69 8.82 -28.61 -6.49
CA MET C 69 9.45 -27.45 -5.86
C MET C 69 8.96 -27.25 -4.44
N PHE C 70 7.64 -27.14 -4.27
CA PHE C 70 7.06 -26.74 -2.99
C PHE C 70 7.01 -27.88 -1.98
N THR C 71 7.30 -29.12 -2.39
CA THR C 71 7.24 -30.27 -1.49
C THR C 71 8.66 -30.79 -1.26
N ASN C 72 9.46 -30.01 -0.55
CA ASN C 72 10.82 -30.38 -0.19
C ASN C 72 11.15 -29.75 1.16
N GLY C 73 12.43 -29.59 1.45
CA GLY C 73 12.87 -29.01 2.70
C GLY C 73 12.64 -27.51 2.77
N GLN C 77 8.09 -23.77 4.32
CA GLN C 77 7.14 -23.49 5.39
C GLN C 77 6.73 -22.01 5.39
N GLY C 78 5.46 -21.76 5.68
CA GLY C 78 5.00 -20.38 5.76
C GLY C 78 4.99 -19.70 4.39
N MET C 79 5.34 -18.42 4.39
CA MET C 79 5.41 -17.64 3.17
C MET C 79 6.78 -17.80 2.52
N GLU C 80 6.80 -17.98 1.20
CA GLU C 80 8.03 -18.18 0.45
C GLU C 80 8.05 -17.27 -0.77
N VAL C 81 9.22 -16.71 -1.05
CA VAL C 81 9.46 -15.87 -2.22
C VAL C 81 10.44 -16.60 -3.13
N VAL C 82 9.98 -16.98 -4.32
CA VAL C 82 10.75 -17.78 -5.25
C VAL C 82 11.07 -16.92 -6.48
N SER C 83 12.35 -16.92 -6.88
CA SER C 83 12.78 -16.23 -8.08
C SER C 83 12.64 -17.15 -9.28
N ILE C 84 12.04 -16.65 -10.36
CA ILE C 84 11.80 -17.43 -11.56
C ILE C 84 12.50 -16.74 -12.72
N GLU C 85 13.40 -17.45 -13.39
CA GLU C 85 14.10 -16.93 -14.55
C GLU C 85 14.06 -17.97 -15.67
N GLY C 86 14.29 -17.49 -16.89
CA GLY C 86 14.14 -18.31 -18.07
C GLY C 86 12.75 -18.33 -18.65
N ILE C 87 11.79 -17.64 -18.03
CA ILE C 87 10.42 -17.56 -18.51
C ILE C 87 10.00 -16.10 -18.52
N HIS C 88 9.10 -15.77 -19.43
CA HIS C 88 8.63 -14.39 -19.56
C HIS C 88 7.47 -14.15 -18.60
N PRO C 89 7.34 -12.92 -18.08
CA PRO C 89 6.21 -12.65 -17.17
C PRO C 89 4.85 -12.89 -17.79
N LYS C 90 4.67 -12.59 -19.08
CA LYS C 90 3.36 -12.75 -19.71
C LYS C 90 3.06 -14.21 -20.05
N VAL C 91 4.09 -15.03 -20.29
CA VAL C 91 3.81 -16.45 -20.52
C VAL C 91 3.68 -17.20 -19.19
N MET C 92 4.37 -16.74 -18.15
CA MET C 92 4.13 -17.29 -16.82
C MET C 92 2.76 -16.88 -16.29
N GLU C 93 2.34 -15.65 -16.60
CA GLU C 93 1.00 -15.20 -16.22
C GLU C 93 -0.07 -16.05 -16.89
N ARG C 94 0.16 -16.43 -18.16
CA ARG C 94 -0.81 -17.26 -18.87
C ARG C 94 -0.85 -18.67 -18.30
N LEU C 95 0.30 -19.19 -17.85
CA LEU C 95 0.32 -20.52 -17.26
C LEU C 95 -0.37 -20.52 -15.90
N ILE C 96 -0.17 -19.48 -15.09
CA ILE C 96 -0.81 -19.40 -13.78
C ILE C 96 -2.31 -19.25 -13.95
N GLU C 97 -2.76 -18.45 -14.92
CA GLU C 97 -4.19 -18.32 -15.18
C GLU C 97 -4.79 -19.63 -15.65
N PHE C 98 -4.01 -20.47 -16.33
CA PHE C 98 -4.50 -21.79 -16.71
C PHE C 98 -4.67 -22.69 -15.51
N ALA C 99 -3.84 -22.52 -14.48
CA ALA C 99 -3.95 -23.36 -13.29
C ALA C 99 -5.26 -23.12 -12.56
N TYR C 100 -5.79 -21.90 -12.60
CA TYR C 100 -7.00 -21.55 -11.88
C TYR C 100 -8.25 -21.51 -12.75
N THR C 101 -8.10 -21.42 -14.07
CA THR C 101 -9.23 -21.35 -14.98
C THR C 101 -9.31 -22.49 -15.98
N ALA C 102 -8.27 -23.32 -16.08
CA ALA C 102 -8.21 -24.42 -17.05
C ALA C 102 -8.36 -23.93 -18.49
N SER C 103 -7.96 -22.69 -18.74
CA SER C 103 -8.05 -22.10 -20.08
C SER C 103 -6.84 -21.21 -20.31
N ILE C 104 -6.51 -21.02 -21.59
CA ILE C 104 -5.38 -20.18 -21.97
C ILE C 104 -5.65 -19.64 -23.37
N SER C 105 -5.17 -18.43 -23.64
CA SER C 105 -5.38 -17.76 -24.92
C SER C 105 -4.13 -16.97 -25.28
N MET C 106 -3.60 -17.24 -26.47
CA MET C 106 -2.40 -16.59 -26.98
C MET C 106 -2.65 -16.11 -28.41
N GLY C 107 -1.70 -15.34 -28.92
CA GLY C 107 -1.69 -15.01 -30.33
C GLY C 107 -0.90 -16.02 -31.14
N GLU C 108 -1.09 -15.99 -32.45
CA GLU C 108 -0.38 -16.92 -33.32
C GLU C 108 1.12 -16.70 -33.28
N LYS C 109 1.57 -15.52 -32.86
CA LYS C 109 2.99 -15.19 -32.76
C LYS C 109 3.58 -15.49 -31.39
N CYS C 110 2.76 -15.95 -30.43
CA CYS C 110 3.23 -16.28 -29.09
C CYS C 110 3.00 -17.74 -28.74
N VAL C 111 2.68 -18.60 -29.71
CA VAL C 111 2.39 -19.99 -29.40
C VAL C 111 3.64 -20.75 -29.03
N LEU C 112 4.80 -20.35 -29.57
CA LEU C 112 6.04 -21.04 -29.25
C LEU C 112 6.57 -20.65 -27.88
N HIS C 113 6.43 -19.38 -27.50
CA HIS C 113 6.93 -18.92 -26.21
C HIS C 113 6.09 -19.44 -25.05
N VAL C 114 4.85 -19.86 -25.31
CA VAL C 114 4.02 -20.46 -24.27
C VAL C 114 4.21 -21.97 -24.23
N MET C 115 4.41 -22.61 -25.39
CA MET C 115 4.74 -24.03 -25.40
C MET C 115 6.06 -24.27 -24.67
N ASN C 116 7.03 -23.36 -24.84
CA ASN C 116 8.29 -23.48 -24.12
C ASN C 116 8.09 -23.24 -22.63
N GLY C 117 7.24 -22.29 -22.27
CA GLY C 117 6.94 -22.07 -20.86
C GLY C 117 6.19 -23.23 -20.24
N ALA C 118 5.26 -23.83 -20.99
CA ALA C 118 4.51 -24.96 -20.47
C ALA C 118 5.37 -26.21 -20.41
N VAL C 119 6.32 -26.38 -21.34
CA VAL C 119 7.18 -27.55 -21.31
C VAL C 119 8.23 -27.45 -20.21
N MET C 120 8.50 -26.25 -19.69
CA MET C 120 9.42 -26.12 -18.57
C MET C 120 8.81 -26.66 -17.30
N TYR C 121 7.51 -26.45 -17.10
CA TYR C 121 6.81 -26.90 -15.90
C TYR C 121 5.97 -28.15 -16.15
N GLN C 122 6.18 -28.82 -17.28
CA GLN C 122 5.56 -30.12 -17.58
C GLN C 122 4.04 -30.07 -17.54
N ILE C 123 3.46 -28.92 -17.91
CA ILE C 123 2.02 -28.84 -18.08
C ILE C 123 1.69 -29.44 -19.45
N ASP C 124 1.59 -30.78 -19.50
CA ASP C 124 1.53 -31.48 -20.77
C ASP C 124 0.31 -31.07 -21.59
N SER C 125 -0.84 -30.88 -20.93
CA SER C 125 -2.06 -30.55 -21.65
C SER C 125 -1.91 -29.28 -22.47
N VAL C 126 -1.19 -28.29 -21.93
CA VAL C 126 -0.91 -27.08 -22.71
C VAL C 126 0.17 -27.34 -23.75
N VAL C 127 1.11 -28.23 -23.45
CA VAL C 127 2.17 -28.55 -24.41
C VAL C 127 1.60 -29.27 -25.62
N ARG C 128 0.78 -30.30 -25.38
CA ARG C 128 0.20 -31.06 -26.49
C ARG C 128 -0.74 -30.21 -27.33
N ALA C 129 -1.39 -29.21 -26.70
CA ALA C 129 -2.30 -28.35 -27.45
C ALA C 129 -1.54 -27.37 -28.33
N CYS C 130 -0.46 -26.79 -27.81
CA CYS C 130 0.34 -25.87 -28.62
C CYS C 130 1.12 -26.61 -29.69
N ALA C 131 1.61 -27.82 -29.37
CA ALA C 131 2.31 -28.62 -30.38
C ALA C 131 1.38 -29.06 -31.49
N ASP C 132 0.10 -29.29 -31.18
CA ASP C 132 -0.87 -29.60 -32.22
C ASP C 132 -1.25 -28.38 -33.03
N PHE C 133 -1.02 -27.18 -32.49
CA PHE C 133 -1.27 -25.97 -33.27
C PHE C 133 -0.18 -25.76 -34.32
N LEU C 134 1.06 -26.12 -33.99
CA LEU C 134 2.16 -25.88 -34.92
C LEU C 134 2.14 -26.84 -36.10
N VAL C 135 1.63 -28.06 -35.90
CA VAL C 135 1.54 -29.01 -37.01
C VAL C 135 0.43 -28.66 -37.98
N GLN C 136 -0.45 -27.72 -37.62
CA GLN C 136 -1.49 -27.29 -38.55
C GLN C 136 -0.91 -26.49 -39.69
N GLN C 137 -0.03 -25.53 -39.38
CA GLN C 137 0.65 -24.71 -40.39
C GLN C 137 1.95 -25.35 -40.87
N LEU C 138 2.04 -26.68 -40.83
CA LEU C 138 3.24 -27.38 -41.27
C LEU C 138 2.92 -28.36 -42.38
N PHE D 11 58.30 4.24 26.04
CA PHE D 11 56.90 3.86 26.19
C PHE D 11 56.12 4.07 24.90
N SER D 12 55.58 2.98 24.36
CA SER D 12 54.75 3.01 23.17
C SER D 12 53.39 2.40 23.48
N TYR D 13 52.46 2.61 22.55
CA TYR D 13 51.10 2.09 22.71
C TYR D 13 50.42 2.05 21.34
N THR D 14 49.71 0.97 21.07
CA THR D 14 48.99 0.80 19.82
C THR D 14 47.59 0.26 20.12
N LEU D 15 46.58 0.96 19.61
CA LEU D 15 45.19 0.49 19.66
C LEU D 15 44.83 0.05 18.25
N GLU D 16 44.99 -1.25 17.99
CA GLU D 16 44.66 -1.81 16.68
C GLU D 16 43.18 -1.75 16.36
N ASP D 17 42.34 -1.39 17.33
CA ASP D 17 40.91 -1.24 17.13
C ASP D 17 40.51 0.20 16.80
N HIS D 18 41.47 1.15 16.85
CA HIS D 18 41.14 2.55 16.68
C HIS D 18 40.72 2.86 15.24
N THR D 19 41.46 2.36 14.26
CA THR D 19 41.18 2.69 12.86
C THR D 19 39.78 2.24 12.47
N LYS D 20 39.37 1.04 12.90
CA LYS D 20 38.02 0.59 12.61
C LYS D 20 36.99 1.33 13.46
N GLN D 21 37.36 1.75 14.67
CA GLN D 21 36.45 2.50 15.53
C GLN D 21 36.34 3.96 15.08
N ALA D 22 37.47 4.57 14.71
CA ALA D 22 37.43 5.95 14.23
C ALA D 22 36.61 6.07 12.96
N PHE D 23 36.72 5.07 12.06
CA PHE D 23 35.92 5.08 10.85
C PHE D 23 34.43 4.96 11.16
N GLY D 24 34.09 4.30 12.26
CA GLY D 24 32.69 4.21 12.65
C GLY D 24 32.10 5.57 12.99
N ILE D 25 32.90 6.44 13.59
CA ILE D 25 32.43 7.79 13.90
C ILE D 25 32.30 8.62 12.64
N MET D 26 33.32 8.56 11.76
CA MET D 26 33.28 9.35 10.53
C MET D 26 32.12 8.95 9.64
N ASN D 27 31.69 7.69 9.69
CA ASN D 27 30.51 7.28 8.94
C ASN D 27 29.24 7.77 9.62
N GLU D 28 29.20 7.75 10.95
CA GLU D 28 28.05 8.30 11.66
C GLU D 28 27.95 9.81 11.51
N LEU D 29 29.04 10.49 11.16
CA LEU D 29 29.01 11.92 10.90
C LEU D 29 28.56 12.25 9.48
N ARG D 30 28.76 11.33 8.53
CA ARG D 30 28.24 11.54 7.18
C ARG D 30 26.72 11.39 7.16
N LEU D 31 26.22 10.32 7.77
CA LEU D 31 24.78 10.08 7.83
C LEU D 31 24.04 11.14 8.63
N SER D 32 24.76 12.04 9.30
CA SER D 32 24.16 13.17 10.00
C SER D 32 24.45 14.51 9.32
N GLN D 33 25.01 14.48 8.11
CA GLN D 33 25.24 15.66 7.28
C GLN D 33 26.20 16.66 7.94
N GLN D 34 27.07 16.20 8.82
CA GLN D 34 27.94 17.07 9.60
C GLN D 34 29.38 16.97 9.09
N LEU D 35 30.06 18.12 9.07
CA LEU D 35 31.47 18.25 8.69
C LEU D 35 31.73 17.84 7.25
N CYS D 36 30.68 17.75 6.43
CA CYS D 36 30.85 17.40 5.02
C CYS D 36 31.28 18.62 4.22
N ASP D 37 32.20 18.41 3.29
CA ASP D 37 32.74 19.50 2.48
C ASP D 37 32.68 19.21 0.98
N VAL D 38 31.89 18.22 0.57
CA VAL D 38 31.74 17.89 -0.84
C VAL D 38 30.39 17.21 -1.04
N THR D 39 29.76 17.49 -2.19
CA THR D 39 28.50 16.89 -2.57
C THR D 39 28.63 16.30 -3.97
N LEU D 40 28.25 15.03 -4.10
CA LEU D 40 28.30 14.33 -5.39
C LEU D 40 26.91 14.28 -5.98
N GLN D 41 26.72 14.91 -7.14
CA GLN D 41 25.44 14.93 -7.84
C GLN D 41 25.52 13.94 -9.00
N VAL D 42 25.24 12.67 -8.69
CA VAL D 42 25.26 11.63 -9.72
C VAL D 42 24.09 11.83 -10.67
N LYS D 43 24.30 11.43 -11.94
CA LYS D 43 23.26 11.61 -12.96
C LYS D 43 23.41 10.47 -13.98
N TYR D 44 22.65 9.41 -13.77
CA TYR D 44 22.53 8.33 -14.74
C TYR D 44 21.26 8.53 -15.56
N GLN D 45 21.34 8.14 -16.83
CA GLN D 45 20.25 8.42 -17.75
C GLN D 45 19.02 7.59 -17.41
N ASP D 46 17.85 8.27 -17.39
CA ASP D 46 16.58 7.63 -17.08
C ASP D 46 16.62 6.94 -15.70
N ALA D 47 17.16 7.66 -14.72
CA ALA D 47 17.29 7.14 -13.37
C ALA D 47 17.15 8.31 -12.39
N PRO D 48 16.62 8.06 -11.20
CA PRO D 48 16.48 9.14 -10.20
C PRO D 48 17.84 9.65 -9.76
N ALA D 49 18.06 10.96 -9.96
CA ALA D 49 19.31 11.56 -9.52
C ALA D 49 19.41 11.56 -8.00
N ALA D 50 20.63 11.51 -7.50
CA ALA D 50 20.87 11.45 -6.06
C ALA D 50 22.01 12.39 -5.68
N GLN D 51 22.04 12.75 -4.40
CA GLN D 51 23.10 13.60 -3.84
C GLN D 51 23.75 12.84 -2.70
N PHE D 52 25.05 12.57 -2.84
CA PHE D 52 25.84 11.88 -1.83
C PHE D 52 26.94 12.83 -1.36
N MET D 53 26.76 13.42 -0.19
CA MET D 53 27.74 14.32 0.39
C MET D 53 28.60 13.58 1.40
N ALA D 54 29.90 13.78 1.33
CA ALA D 54 30.83 13.10 2.21
C ALA D 54 31.98 14.03 2.59
N HIS D 55 33.15 13.46 2.90
CA HIS D 55 34.33 14.22 3.29
C HIS D 55 35.44 13.93 2.29
N LYS D 56 36.10 15.00 1.83
CA LYS D 56 37.11 14.84 0.78
C LYS D 56 38.30 14.02 1.24
N VAL D 57 38.62 14.06 2.53
CA VAL D 57 39.82 13.37 3.01
C VAL D 57 39.61 11.85 3.03
N VAL D 58 38.38 11.40 3.23
CA VAL D 58 38.13 9.96 3.30
C VAL D 58 38.08 9.35 1.91
N LEU D 59 37.37 10.01 0.98
CA LEU D 59 37.28 9.51 -0.38
C LEU D 59 38.64 9.46 -1.06
N ALA D 60 39.58 10.31 -0.62
CA ALA D 60 40.93 10.27 -1.15
C ALA D 60 41.66 9.02 -0.69
N SER D 61 41.39 8.55 0.52
CA SER D 61 42.09 7.40 1.07
C SER D 61 41.56 6.07 0.53
N SER D 62 40.40 6.06 -0.11
CA SER D 62 39.79 4.83 -0.60
C SER D 62 39.84 4.69 -2.11
N SER D 63 39.99 5.79 -2.86
CA SER D 63 40.04 5.73 -4.31
C SER D 63 41.09 6.73 -4.79
N PRO D 64 42.06 6.28 -5.59
CA PRO D 64 43.13 7.20 -6.03
C PRO D 64 42.66 8.33 -6.92
N VAL D 65 41.49 8.22 -7.55
CA VAL D 65 41.06 9.30 -8.43
C VAL D 65 40.36 10.40 -7.66
N PHE D 66 39.65 10.06 -6.57
CA PHE D 66 39.08 11.10 -5.72
C PHE D 66 40.17 11.93 -5.07
N LYS D 67 41.32 11.32 -4.78
CA LYS D 67 42.46 12.06 -4.27
C LYS D 67 42.99 13.04 -5.31
N ALA D 68 43.25 12.56 -6.53
CA ALA D 68 43.72 13.44 -7.58
C ALA D 68 42.65 14.45 -7.99
N MET D 69 41.38 14.12 -7.77
CA MET D 69 40.29 15.06 -8.06
C MET D 69 40.23 16.17 -7.03
N PHE D 70 40.61 15.90 -5.78
CA PHE D 70 40.54 16.87 -4.70
C PHE D 70 41.89 17.49 -4.38
N THR D 71 42.92 17.21 -5.17
CA THR D 71 44.23 17.81 -4.97
C THR D 71 44.74 18.46 -6.26
N GLN D 77 37.32 28.03 0.51
CA GLN D 77 37.21 26.66 0.00
C GLN D 77 36.37 25.82 0.95
N GLY D 78 35.13 26.25 1.18
CA GLY D 78 34.26 25.57 2.11
C GLY D 78 33.54 24.36 1.56
N MET D 79 32.60 24.58 0.63
CA MET D 79 31.72 23.52 0.15
C MET D 79 31.83 23.43 -1.37
N GLU D 80 32.48 22.38 -1.87
CA GLU D 80 32.55 22.12 -3.30
C GLU D 80 31.46 21.12 -3.68
N VAL D 81 30.75 21.39 -4.76
CA VAL D 81 29.69 20.52 -5.26
C VAL D 81 30.07 20.14 -6.68
N VAL D 82 30.69 18.97 -6.84
CA VAL D 82 31.06 18.45 -8.15
C VAL D 82 30.02 17.42 -8.58
N SER D 83 29.60 17.50 -9.84
CA SER D 83 28.62 16.59 -10.40
C SER D 83 29.32 15.59 -11.31
N ILE D 84 28.87 14.34 -11.26
CA ILE D 84 29.51 13.25 -12.00
C ILE D 84 28.46 12.49 -12.78
N GLU D 85 28.86 11.99 -13.95
CA GLU D 85 28.00 11.17 -14.79
C GLU D 85 28.70 9.87 -15.13
N GLY D 86 28.11 9.08 -16.04
CA GLY D 86 28.67 7.79 -16.37
C GLY D 86 28.75 6.83 -15.21
N ILE D 87 27.91 7.02 -14.19
CA ILE D 87 27.92 6.19 -13.00
C ILE D 87 26.50 6.18 -12.42
N HIS D 88 26.05 5.00 -12.01
CA HIS D 88 24.71 4.88 -11.47
C HIS D 88 24.66 5.45 -10.05
N PRO D 89 23.54 6.05 -9.65
CA PRO D 89 23.43 6.54 -8.27
C PRO D 89 23.61 5.44 -7.23
N LYS D 90 22.91 4.33 -7.39
CA LYS D 90 22.97 3.25 -6.41
C LYS D 90 24.23 2.40 -6.54
N VAL D 91 25.07 2.64 -7.55
CA VAL D 91 26.26 1.82 -7.72
C VAL D 91 27.49 2.42 -7.04
N MET D 92 27.51 3.73 -6.80
CA MET D 92 28.60 4.36 -6.07
C MET D 92 28.26 4.64 -4.62
N GLU D 93 26.97 4.60 -4.26
CA GLU D 93 26.61 4.61 -2.85
C GLU D 93 27.21 3.41 -2.14
N ARG D 94 27.28 2.26 -2.82
CA ARG D 94 28.00 1.11 -2.30
C ARG D 94 29.49 1.39 -2.22
N LEU D 95 30.02 2.20 -3.14
CA LEU D 95 31.43 2.57 -3.08
C LEU D 95 31.70 3.53 -1.93
N ILE D 96 30.81 4.51 -1.73
CA ILE D 96 30.96 5.44 -0.61
C ILE D 96 30.79 4.70 0.71
N GLU D 97 29.81 3.79 0.78
CA GLU D 97 29.66 2.98 1.97
C GLU D 97 30.88 2.10 2.20
N PHE D 98 31.52 1.62 1.13
CA PHE D 98 32.74 0.85 1.28
C PHE D 98 33.89 1.71 1.81
N ALA D 99 33.92 2.99 1.44
CA ALA D 99 34.98 3.86 1.92
C ALA D 99 34.84 4.16 3.41
N TYR D 100 33.62 4.08 3.94
CA TYR D 100 33.36 4.40 5.34
C TYR D 100 33.15 3.18 6.21
N THR D 101 32.81 2.03 5.63
CA THR D 101 32.55 0.82 6.41
C THR D 101 33.49 -0.33 6.10
N ALA D 102 34.35 -0.21 5.10
CA ALA D 102 35.26 -1.26 4.67
C ALA D 102 34.54 -2.56 4.31
N SER D 103 33.25 -2.46 3.96
CA SER D 103 32.44 -3.62 3.65
C SER D 103 31.44 -3.24 2.57
N ILE D 104 31.05 -4.23 1.76
CA ILE D 104 30.11 -4.01 0.67
C ILE D 104 29.32 -5.30 0.42
N SER D 105 28.01 -5.23 0.59
CA SER D 105 27.12 -6.37 0.42
C SER D 105 26.04 -6.02 -0.61
N MET D 106 25.85 -6.89 -1.59
CA MET D 106 24.94 -6.63 -2.71
C MET D 106 24.21 -7.92 -3.06
N GLY D 107 23.60 -7.93 -4.24
CA GLY D 107 23.02 -9.12 -4.83
C GLY D 107 23.71 -9.47 -6.13
N GLU D 108 23.60 -10.73 -6.57
CA GLU D 108 24.39 -11.22 -7.69
C GLU D 108 24.10 -10.52 -9.01
N LYS D 109 23.01 -9.76 -9.11
CA LYS D 109 22.65 -9.15 -10.39
C LYS D 109 23.53 -7.96 -10.73
N CYS D 110 23.95 -7.18 -9.74
CA CYS D 110 24.68 -5.93 -9.98
C CYS D 110 26.15 -6.01 -9.60
N VAL D 111 26.67 -7.21 -9.30
CA VAL D 111 28.07 -7.33 -8.90
C VAL D 111 29.02 -6.92 -10.03
N LEU D 112 28.58 -7.02 -11.28
CA LEU D 112 29.40 -6.55 -12.38
C LEU D 112 29.37 -5.03 -12.51
N HIS D 113 28.25 -4.39 -12.14
CA HIS D 113 28.13 -2.95 -12.29
C HIS D 113 29.02 -2.21 -11.30
N VAL D 114 29.16 -2.72 -10.08
CA VAL D 114 30.09 -2.09 -9.14
C VAL D 114 31.52 -2.29 -9.59
N MET D 115 31.81 -3.39 -10.30
CA MET D 115 33.16 -3.63 -10.80
C MET D 115 33.59 -2.54 -11.76
N ASN D 116 32.73 -2.21 -12.73
CA ASN D 116 33.02 -1.09 -13.62
C ASN D 116 33.01 0.23 -12.86
N GLY D 117 32.15 0.35 -11.85
CA GLY D 117 32.19 1.55 -11.01
C GLY D 117 33.40 1.60 -10.12
N ALA D 118 33.96 0.45 -9.76
CA ALA D 118 35.14 0.42 -8.92
C ALA D 118 36.43 0.62 -9.72
N VAL D 119 36.49 0.11 -10.96
CA VAL D 119 37.64 0.39 -11.80
C VAL D 119 37.61 1.81 -12.33
N MET D 120 36.42 2.43 -12.39
CA MET D 120 36.34 3.83 -12.79
C MET D 120 36.97 4.73 -11.73
N TYR D 121 36.79 4.38 -10.46
CA TYR D 121 37.40 5.11 -9.36
C TYR D 121 38.64 4.42 -8.81
N GLN D 122 39.11 3.36 -9.47
CA GLN D 122 40.36 2.67 -9.12
C GLN D 122 40.37 2.15 -7.69
N ILE D 123 39.20 1.86 -7.13
CA ILE D 123 39.12 1.24 -5.81
C ILE D 123 39.64 -0.19 -5.97
N ASP D 124 40.96 -0.35 -5.89
CA ASP D 124 41.61 -1.59 -6.32
C ASP D 124 41.16 -2.79 -5.51
N SER D 125 40.80 -2.58 -4.23
CA SER D 125 40.53 -3.71 -3.34
C SER D 125 39.21 -4.39 -3.68
N VAL D 126 38.16 -3.60 -3.90
CA VAL D 126 36.86 -4.19 -4.19
C VAL D 126 36.80 -4.73 -5.63
N VAL D 127 37.65 -4.22 -6.51
CA VAL D 127 37.69 -4.74 -7.88
C VAL D 127 38.01 -6.23 -7.88
N ARG D 128 39.11 -6.62 -7.23
CA ARG D 128 39.48 -8.02 -7.17
C ARG D 128 38.50 -8.84 -6.35
N ALA D 129 37.83 -8.22 -5.38
CA ALA D 129 36.87 -8.94 -4.57
C ALA D 129 35.65 -9.35 -5.38
N CYS D 130 35.03 -8.40 -6.09
CA CYS D 130 33.89 -8.73 -6.93
C CYS D 130 34.31 -9.50 -8.18
N ALA D 131 35.59 -9.47 -8.54
CA ALA D 131 36.06 -10.30 -9.66
C ALA D 131 36.06 -11.77 -9.28
N ASP D 132 36.31 -12.08 -8.01
CA ASP D 132 36.25 -13.46 -7.56
C ASP D 132 34.83 -14.00 -7.52
N PHE D 133 33.83 -13.12 -7.42
CA PHE D 133 32.44 -13.58 -7.34
C PHE D 133 31.86 -13.88 -8.71
N LEU D 134 32.29 -13.16 -9.74
CA LEU D 134 31.84 -13.43 -11.11
C LEU D 134 32.49 -14.68 -11.70
N VAL D 135 33.42 -15.31 -10.98
CA VAL D 135 34.04 -16.56 -11.42
C VAL D 135 33.73 -17.72 -10.51
N GLN D 136 32.90 -17.52 -9.49
CA GLN D 136 32.53 -18.58 -8.56
C GLN D 136 31.51 -19.53 -9.20
N THR E 10 -34.52 58.24 -13.53
CA THR E 10 -34.09 56.95 -13.01
C THR E 10 -33.93 56.99 -11.49
N PHE E 11 -34.09 55.85 -10.84
CA PHE E 11 -34.15 55.75 -9.39
C PHE E 11 -33.02 54.90 -8.87
N SER E 12 -32.31 55.41 -7.85
CA SER E 12 -31.22 54.71 -7.21
C SER E 12 -31.32 54.92 -5.70
N TYR E 13 -30.81 53.96 -4.94
CA TYR E 13 -30.90 54.01 -3.49
C TYR E 13 -29.95 52.98 -2.88
N THR E 14 -29.12 53.43 -1.95
CA THR E 14 -28.22 52.59 -1.19
C THR E 14 -28.58 52.66 0.29
N LEU E 15 -28.00 51.75 1.07
CA LEU E 15 -28.31 51.64 2.50
C LEU E 15 -27.01 51.32 3.24
N GLU E 16 -26.49 52.30 3.98
CA GLU E 16 -25.24 52.07 4.71
C GLU E 16 -25.45 51.24 5.98
N ASP E 17 -26.66 51.21 6.52
CA ASP E 17 -26.97 50.47 7.73
C ASP E 17 -27.35 49.02 7.46
N HIS E 18 -27.56 48.65 6.20
CA HIS E 18 -28.06 47.31 5.88
C HIS E 18 -27.07 46.23 6.26
N THR E 19 -25.79 46.40 5.91
CA THR E 19 -24.79 45.38 6.18
C THR E 19 -24.65 45.12 7.68
N LYS E 20 -24.78 46.17 8.49
CA LYS E 20 -24.76 45.98 9.94
C LYS E 20 -26.01 45.28 10.43
N GLN E 21 -27.18 45.73 9.97
CA GLN E 21 -28.44 45.11 10.38
C GLN E 21 -28.55 43.68 9.88
N ALA E 22 -28.00 43.39 8.70
CA ALA E 22 -28.04 42.03 8.18
C ALA E 22 -27.11 41.12 8.95
N PHE E 23 -25.85 41.55 9.14
CA PHE E 23 -24.89 40.75 9.90
C PHE E 23 -25.29 40.60 11.36
N GLY E 24 -26.22 41.41 11.85
CA GLY E 24 -26.75 41.20 13.19
C GLY E 24 -27.82 40.13 13.24
N ILE E 25 -28.60 40.00 12.18
CA ILE E 25 -29.61 38.94 12.13
C ILE E 25 -28.93 37.59 11.93
N MET E 26 -27.90 37.54 11.09
CA MET E 26 -27.14 36.30 10.89
C MET E 26 -26.45 35.84 12.16
N ASN E 27 -26.33 36.70 13.18
CA ASN E 27 -25.66 36.29 14.41
C ASN E 27 -26.51 35.32 15.21
N GLU E 28 -27.79 35.66 15.44
CA GLU E 28 -28.67 34.75 16.15
C GLU E 28 -29.01 33.52 15.32
N LEU E 29 -28.84 33.58 14.00
CA LEU E 29 -28.94 32.38 13.18
C LEU E 29 -27.84 31.37 13.51
N ARG E 30 -26.74 31.81 14.11
CA ARG E 30 -25.74 30.90 14.63
C ARG E 30 -25.97 30.56 16.09
N LEU E 31 -26.60 31.46 16.86
CA LEU E 31 -26.97 31.21 18.24
C LEU E 31 -28.15 30.27 18.38
N SER E 32 -28.85 29.95 17.28
CA SER E 32 -29.95 28.99 17.31
C SER E 32 -29.75 27.85 16.33
N GLN E 33 -28.54 27.68 15.78
CA GLN E 33 -28.18 26.58 14.88
C GLN E 33 -29.02 26.57 13.61
N GLN E 34 -29.66 27.69 13.27
CA GLN E 34 -30.52 27.74 12.09
C GLN E 34 -29.68 28.02 10.84
N LEU E 35 -29.83 27.15 9.84
CA LEU E 35 -29.17 27.26 8.54
C LEU E 35 -27.66 27.06 8.62
N CYS E 36 -27.16 26.46 9.70
CA CYS E 36 -25.72 26.22 9.84
C CYS E 36 -25.31 25.05 8.94
N ASP E 37 -24.34 25.29 8.07
CA ASP E 37 -23.87 24.29 7.12
C ASP E 37 -22.44 23.83 7.38
N VAL E 38 -21.88 24.15 8.55
CA VAL E 38 -20.57 23.67 8.96
C VAL E 38 -20.59 23.42 10.46
N THR E 39 -19.89 22.38 10.89
CA THR E 39 -19.81 22.00 12.30
C THR E 39 -18.35 21.71 12.66
N LEU E 40 -17.61 22.77 12.96
CA LEU E 40 -16.20 22.64 13.29
C LEU E 40 -16.02 22.05 14.69
N GLN E 41 -14.96 21.25 14.84
CA GLN E 41 -14.62 20.62 16.11
C GLN E 41 -13.20 20.99 16.47
N VAL E 42 -13.02 21.56 17.67
CA VAL E 42 -11.71 22.00 18.13
C VAL E 42 -11.29 21.12 19.29
N LYS E 43 -9.97 20.94 19.42
CA LYS E 43 -9.42 20.17 20.53
C LYS E 43 -8.11 20.83 20.96
N TYR E 44 -7.89 20.89 22.28
CA TYR E 44 -6.66 21.49 22.79
C TYR E 44 -6.25 20.84 24.11
N GLN E 45 -5.64 19.66 24.06
CA GLN E 45 -5.28 18.96 25.29
C GLN E 45 -4.10 19.65 26.00
N PRO E 48 -10.13 19.32 26.35
CA PRO E 48 -11.55 19.70 26.47
C PRO E 48 -12.17 20.06 25.12
N ALA E 49 -12.52 19.04 24.34
CA ALA E 49 -13.01 19.27 22.98
C ALA E 49 -14.29 20.10 22.98
N ALA E 50 -14.33 21.13 22.15
CA ALA E 50 -15.48 22.00 21.98
C ALA E 50 -15.93 21.98 20.53
N GLN E 51 -17.07 22.62 20.27
CA GLN E 51 -17.65 22.61 18.94
C GLN E 51 -18.58 23.81 18.80
N PHE E 52 -18.52 24.46 17.64
CA PHE E 52 -19.44 25.54 17.29
C PHE E 52 -20.07 25.24 15.93
N MET E 53 -21.19 25.91 15.67
CA MET E 53 -21.89 25.81 14.40
C MET E 53 -21.86 27.17 13.71
N ALA E 54 -21.67 27.16 12.39
CA ALA E 54 -21.55 28.41 11.64
C ALA E 54 -22.04 28.17 10.22
N HIS E 55 -21.89 29.19 9.38
CA HIS E 55 -22.30 29.12 7.98
C HIS E 55 -21.07 29.22 7.09
N LYS E 56 -21.08 28.48 5.98
CA LYS E 56 -19.90 28.43 5.12
C LYS E 56 -19.64 29.77 4.44
N VAL E 57 -20.67 30.55 4.18
CA VAL E 57 -20.47 31.80 3.46
C VAL E 57 -20.02 32.92 4.40
N VAL E 58 -20.48 32.92 5.65
CA VAL E 58 -20.01 33.93 6.59
C VAL E 58 -18.57 33.64 7.02
N LEU E 59 -18.18 32.36 6.99
CA LEU E 59 -16.78 32.02 7.27
C LEU E 59 -15.89 32.34 6.07
N ALA E 60 -16.39 32.11 4.86
CA ALA E 60 -15.64 32.48 3.66
C ALA E 60 -15.52 33.98 3.50
N SER E 61 -16.40 34.75 4.14
CA SER E 61 -16.34 36.20 4.06
C SER E 61 -15.33 36.80 5.02
N SER E 62 -14.92 36.07 6.05
CA SER E 62 -14.00 36.58 7.05
C SER E 62 -12.64 35.88 7.02
N SER E 63 -12.46 34.89 6.15
CA SER E 63 -11.17 34.20 6.07
C SER E 63 -11.04 33.48 4.73
N PRO E 64 -9.96 33.73 3.99
CA PRO E 64 -9.78 33.03 2.71
C PRO E 64 -9.55 31.53 2.85
N VAL E 65 -9.09 31.06 4.02
CA VAL E 65 -8.85 29.63 4.18
C VAL E 65 -10.17 28.87 4.23
N PHE E 66 -11.15 29.38 4.99
CA PHE E 66 -12.47 28.77 4.97
C PHE E 66 -13.09 28.82 3.59
N LYS E 67 -12.77 29.87 2.82
CA LYS E 67 -13.30 29.98 1.46
C LYS E 67 -12.75 28.87 0.57
N ALA E 68 -11.42 28.74 0.51
CA ALA E 68 -10.81 27.72 -0.35
C ALA E 68 -11.02 26.31 0.18
N MET E 69 -11.24 26.14 1.48
CA MET E 69 -11.48 24.81 2.01
C MET E 69 -12.88 24.31 1.64
N PHE E 70 -13.88 25.19 1.72
CA PHE E 70 -15.24 24.82 1.36
C PHE E 70 -15.50 24.91 -0.13
N THR E 71 -14.53 25.40 -0.91
CA THR E 71 -14.68 25.48 -2.36
C THR E 71 -14.13 24.22 -3.03
N GLY E 78 -23.85 18.57 1.15
CA GLY E 78 -23.97 17.76 2.34
C GLY E 78 -23.35 18.41 3.57
N MET E 79 -23.63 17.83 4.74
CA MET E 79 -23.09 18.34 5.99
C MET E 79 -21.59 18.05 6.06
N GLU E 80 -20.79 19.10 6.12
CA GLU E 80 -19.34 18.98 6.13
C GLU E 80 -18.79 19.32 7.51
N VAL E 81 -17.89 18.46 8.00
CA VAL E 81 -17.22 18.67 9.28
C VAL E 81 -15.76 19.03 8.99
N VAL E 82 -15.20 19.87 9.85
CA VAL E 82 -13.80 20.25 9.77
C VAL E 82 -13.18 20.10 11.16
N SER E 83 -12.06 19.35 11.23
CA SER E 83 -11.38 19.10 12.48
C SER E 83 -10.25 20.12 12.65
N ILE E 84 -10.28 20.86 13.75
CA ILE E 84 -9.32 21.92 14.02
C ILE E 84 -8.44 21.45 15.17
N GLU E 85 -7.17 21.20 14.89
CA GLU E 85 -6.21 20.72 15.88
C GLU E 85 -5.15 21.79 16.12
N GLY E 86 -4.80 21.98 17.39
CA GLY E 86 -3.73 22.87 17.76
C GLY E 86 -4.14 24.28 18.10
N ILE E 87 -5.44 24.55 18.24
CA ILE E 87 -5.93 25.88 18.58
C ILE E 87 -6.89 25.77 19.75
N HIS E 88 -6.97 26.85 20.54
CA HIS E 88 -7.81 26.89 21.73
C HIS E 88 -9.27 27.07 21.36
N PRO E 89 -10.20 26.54 22.15
CA PRO E 89 -11.62 26.77 21.88
C PRO E 89 -12.07 28.20 22.17
N LYS E 90 -11.37 28.95 23.01
CA LYS E 90 -11.77 30.29 23.39
C LYS E 90 -11.20 31.37 22.49
N VAL E 91 -10.41 31.00 21.48
CA VAL E 91 -10.01 31.93 20.44
C VAL E 91 -10.87 31.79 19.19
N MET E 92 -11.21 30.55 18.83
CA MET E 92 -12.17 30.35 17.75
C MET E 92 -13.51 30.98 18.09
N GLU E 93 -13.83 31.10 19.39
CA GLU E 93 -15.00 31.86 19.80
C GLU E 93 -14.89 33.31 19.37
N ARG E 94 -13.75 33.94 19.67
CA ARG E 94 -13.55 35.33 19.28
C ARG E 94 -13.48 35.49 17.77
N LEU E 95 -12.81 34.56 17.09
CA LEU E 95 -12.69 34.65 15.63
C LEU E 95 -14.04 34.44 14.95
N ILE E 96 -14.94 33.68 15.57
CA ILE E 96 -16.30 33.57 15.05
C ILE E 96 -17.11 34.81 15.41
N GLU E 97 -16.91 35.34 16.61
CA GLU E 97 -17.58 36.59 17.00
C GLU E 97 -17.16 37.73 16.07
N PHE E 98 -15.88 37.82 15.73
CA PHE E 98 -15.43 38.85 14.80
C PHE E 98 -15.98 38.60 13.41
N ALA E 99 -16.14 37.34 13.01
CA ALA E 99 -16.73 37.04 11.72
C ALA E 99 -18.19 37.46 11.63
N TYR E 100 -18.85 37.65 12.77
CA TYR E 100 -20.25 38.04 12.82
C TYR E 100 -20.42 39.48 13.30
N THR E 101 -19.94 39.78 14.51
CA THR E 101 -20.11 41.11 15.10
C THR E 101 -19.19 42.16 14.47
N ALA E 102 -18.21 41.73 13.67
CA ALA E 102 -17.16 42.60 13.15
C ALA E 102 -16.37 43.28 14.27
N SER E 103 -16.42 42.70 15.47
CA SER E 103 -15.72 43.23 16.63
C SER E 103 -15.16 42.05 17.43
N ILE E 104 -14.18 42.36 18.28
CA ILE E 104 -13.50 41.34 19.06
C ILE E 104 -13.08 41.93 20.40
N SER E 105 -13.15 41.11 21.45
CA SER E 105 -12.73 41.50 22.78
C SER E 105 -12.10 40.30 23.46
N MET E 106 -11.15 40.56 24.35
CA MET E 106 -10.32 39.50 24.92
C MET E 106 -9.59 40.05 26.14
N GLY E 107 -8.78 39.20 26.77
CA GLY E 107 -7.96 39.62 27.88
C GLY E 107 -6.58 40.08 27.43
N GLU E 108 -5.89 40.77 28.34
CA GLU E 108 -4.58 41.31 28.02
C GLU E 108 -3.54 40.22 27.81
N LYS E 109 -3.72 39.07 28.45
CA LYS E 109 -2.76 37.97 28.33
C LYS E 109 -3.05 37.06 27.15
N CYS E 110 -4.28 37.08 26.62
CA CYS E 110 -4.66 36.22 25.51
C CYS E 110 -4.48 36.89 24.15
N VAL E 111 -3.87 38.08 24.11
CA VAL E 111 -3.73 38.79 22.85
C VAL E 111 -2.82 38.04 21.89
N LEU E 112 -1.83 37.31 22.41
CA LEU E 112 -0.95 36.54 21.54
C LEU E 112 -1.67 35.36 20.92
N HIS E 113 -2.30 34.53 21.77
CA HIS E 113 -2.90 33.29 21.29
C HIS E 113 -4.00 33.51 20.27
N VAL E 114 -4.60 34.71 20.22
CA VAL E 114 -5.65 34.94 19.24
C VAL E 114 -5.06 35.30 17.88
N MET E 115 -3.91 35.98 17.85
CA MET E 115 -3.29 36.31 16.57
C MET E 115 -2.58 35.12 15.96
N ASN E 116 -2.23 34.11 16.77
CA ASN E 116 -1.75 32.85 16.21
C ASN E 116 -2.86 32.16 15.41
N GLY E 117 -4.04 32.06 16.00
CA GLY E 117 -5.19 31.53 15.27
C GLY E 117 -5.72 32.48 14.22
N ALA E 118 -5.44 33.78 14.35
CA ALA E 118 -5.87 34.74 13.34
C ALA E 118 -4.96 34.71 12.13
N VAL E 119 -3.66 34.53 12.34
CA VAL E 119 -2.74 34.35 11.22
C VAL E 119 -2.95 32.99 10.58
N MET E 120 -3.24 31.97 11.39
CA MET E 120 -3.48 30.64 10.85
C MET E 120 -4.71 30.60 9.95
N TYR E 121 -5.69 31.46 10.23
CA TYR E 121 -6.90 31.54 9.42
C TYR E 121 -6.95 32.80 8.55
N GLN E 122 -5.85 33.54 8.47
CA GLN E 122 -5.70 34.64 7.51
C GLN E 122 -6.80 35.70 7.69
N ILE E 123 -7.03 36.11 8.93
CA ILE E 123 -7.93 37.22 9.20
C ILE E 123 -7.10 38.49 9.34
N ASP E 124 -6.75 39.10 8.21
CA ASP E 124 -5.77 40.18 8.21
C ASP E 124 -6.23 41.39 9.00
N SER E 125 -7.56 41.59 9.12
CA SER E 125 -8.06 42.76 9.83
C SER E 125 -7.69 42.73 11.30
N VAL E 126 -7.69 41.54 11.91
CA VAL E 126 -7.45 41.41 13.34
C VAL E 126 -6.01 41.05 13.67
N VAL E 127 -5.22 40.63 12.69
CA VAL E 127 -3.81 40.38 12.97
C VAL E 127 -3.03 41.68 13.09
N ARG E 128 -3.44 42.72 12.36
CA ARG E 128 -2.82 44.02 12.49
C ARG E 128 -3.37 44.80 13.68
N ALA E 129 -4.55 44.42 14.18
CA ALA E 129 -5.07 45.02 15.40
C ALA E 129 -4.42 44.41 16.64
N CYS E 130 -3.98 43.16 16.55
CA CYS E 130 -3.26 42.55 17.67
C CYS E 130 -1.80 42.97 17.67
N ALA E 131 -1.15 42.96 16.50
CA ALA E 131 0.24 43.39 16.42
C ALA E 131 0.40 44.85 16.84
N ASP E 132 -0.63 45.67 16.61
CA ASP E 132 -0.61 47.05 17.08
C ASP E 132 -0.80 47.15 18.59
N PHE E 133 -1.15 46.06 19.26
CA PHE E 133 -1.34 46.05 20.70
C PHE E 133 -0.13 45.49 21.45
N LEU E 134 0.52 44.45 20.91
CA LEU E 134 1.71 43.92 21.56
C LEU E 134 2.87 44.92 21.48
N VAL E 135 2.98 45.63 20.36
CA VAL E 135 4.03 46.64 20.22
C VAL E 135 3.78 47.81 21.16
N GLN E 136 2.52 48.21 21.31
CA GLN E 136 2.15 49.30 22.20
C GLN E 136 2.16 48.90 23.66
N GLN E 137 2.33 47.62 23.97
CA GLN E 137 2.36 47.15 25.35
C GLN E 137 3.79 46.82 25.80
N THR F 10 -23.05 9.85 -20.00
CA THR F 10 -22.38 9.87 -18.71
C THR F 10 -21.86 8.48 -18.34
N PHE F 11 -20.63 8.18 -18.77
CA PHE F 11 -19.99 6.90 -18.48
C PHE F 11 -19.09 7.06 -17.26
N SER F 12 -19.19 6.11 -16.33
CA SER F 12 -18.39 6.12 -15.12
C SER F 12 -17.64 4.80 -15.00
N TYR F 13 -16.33 4.88 -14.77
CA TYR F 13 -15.48 3.70 -14.62
C TYR F 13 -14.80 3.78 -13.26
N THR F 14 -15.02 2.76 -12.44
CA THR F 14 -14.46 2.70 -11.08
C THR F 14 -13.59 1.45 -10.99
N LEU F 15 -12.28 1.62 -11.12
CA LEU F 15 -11.35 0.50 -10.94
C LEU F 15 -11.29 0.16 -9.46
N GLU F 16 -12.01 -0.89 -9.08
CA GLU F 16 -12.09 -1.37 -7.69
C GLU F 16 -10.81 -2.04 -7.23
N ASP F 17 -9.72 -1.94 -7.99
CA ASP F 17 -8.44 -2.53 -7.63
C ASP F 17 -7.31 -1.52 -7.64
N HIS F 18 -7.58 -0.27 -8.02
CA HIS F 18 -6.51 0.73 -8.12
C HIS F 18 -5.90 1.03 -6.76
N THR F 19 -6.73 1.07 -5.71
CA THR F 19 -6.25 1.49 -4.40
C THR F 19 -5.19 0.54 -3.85
N LYS F 20 -5.38 -0.77 -4.04
CA LYS F 20 -4.42 -1.72 -3.49
C LYS F 20 -3.12 -1.75 -4.28
N GLN F 21 -3.19 -1.52 -5.60
CA GLN F 21 -1.99 -1.48 -6.41
C GLN F 21 -1.34 -0.10 -6.43
N ALA F 22 -2.08 0.96 -6.12
CA ALA F 22 -1.47 2.26 -5.91
C ALA F 22 -0.68 2.28 -4.60
N PHE F 23 -1.22 1.63 -3.56
CA PHE F 23 -0.49 1.50 -2.31
C PHE F 23 0.79 0.68 -2.46
N GLY F 24 0.85 -0.19 -3.48
CA GLY F 24 2.09 -0.90 -3.74
C GLY F 24 3.22 0.04 -4.13
N ILE F 25 2.90 1.09 -4.89
CA ILE F 25 3.90 2.10 -5.22
C ILE F 25 4.19 2.98 -4.01
N MET F 26 3.20 3.19 -3.15
CA MET F 26 3.43 3.98 -1.93
C MET F 26 4.49 3.33 -1.05
N ASN F 27 4.33 2.05 -0.74
CA ASN F 27 5.34 1.33 0.02
C ASN F 27 6.65 1.22 -0.77
N GLU F 28 6.55 1.17 -2.10
CA GLU F 28 7.75 1.14 -2.93
C GLU F 28 8.57 2.42 -2.76
N LEU F 29 7.90 3.57 -2.76
CA LEU F 29 8.59 4.84 -2.57
C LEU F 29 9.05 5.03 -1.13
N ARG F 30 8.40 4.38 -0.17
CA ARG F 30 8.85 4.48 1.22
C ARG F 30 10.13 3.71 1.45
N LEU F 31 10.18 2.46 0.97
CA LEU F 31 11.35 1.63 1.18
C LEU F 31 12.59 2.22 0.51
N SER F 32 12.41 2.82 -0.66
CA SER F 32 13.52 3.44 -1.39
C SER F 32 13.71 4.90 -1.01
N GLN F 33 12.86 5.45 -0.14
CA GLN F 33 13.00 6.79 0.41
C GLN F 33 12.97 7.86 -0.68
N GLN F 34 11.76 8.06 -1.21
CA GLN F 34 11.47 9.17 -2.11
C GLN F 34 10.21 9.88 -1.64
N LEU F 35 10.17 11.19 -1.88
CA LEU F 35 9.02 12.04 -1.55
C LEU F 35 8.67 12.01 -0.06
N CYS F 36 9.60 11.56 0.78
CA CYS F 36 9.34 11.48 2.21
C CYS F 36 9.42 12.86 2.85
N ASP F 37 8.58 13.08 3.86
CA ASP F 37 8.53 14.37 4.53
C ASP F 37 8.49 14.22 6.06
N VAL F 38 8.84 13.05 6.59
CA VAL F 38 8.90 12.87 8.04
C VAL F 38 9.79 11.66 8.32
N THR F 39 10.59 11.78 9.38
CA THR F 39 11.39 10.67 9.89
C THR F 39 10.99 10.42 11.34
N LEU F 40 10.69 9.17 11.66
CA LEU F 40 10.21 8.79 12.99
C LEU F 40 11.40 8.26 13.80
N GLN F 41 11.92 9.08 14.70
CA GLN F 41 12.97 8.67 15.61
C GLN F 41 12.34 7.95 16.80
N VAL F 42 12.55 6.64 16.88
CA VAL F 42 11.99 5.82 17.95
C VAL F 42 13.11 5.45 18.93
N LYS F 43 12.84 5.61 20.21
CA LYS F 43 13.79 5.26 21.26
C LYS F 43 12.99 4.74 22.46
N TYR F 44 13.07 3.44 22.69
CA TYR F 44 12.27 2.81 23.73
C TYR F 44 13.11 2.65 25.00
N GLN F 45 12.57 1.93 25.97
CA GLN F 45 13.23 1.74 27.26
C GLN F 45 14.49 0.92 27.08
N ASP F 46 15.63 1.61 27.00
CA ASP F 46 16.95 0.97 26.87
C ASP F 46 17.01 0.06 25.65
N ALA F 47 16.28 0.41 24.59
CA ALA F 47 16.28 -0.34 23.35
C ALA F 47 17.08 0.40 22.28
N PRO F 48 17.67 -0.30 21.31
CA PRO F 48 18.44 0.38 20.27
C PRO F 48 17.58 1.36 19.48
N ALA F 49 18.11 2.56 19.29
CA ALA F 49 17.38 3.59 18.58
C ALA F 49 17.29 3.27 17.09
N ALA F 50 16.19 3.69 16.47
CA ALA F 50 15.96 3.46 15.06
C ALA F 50 15.21 4.64 14.46
N GLN F 51 15.25 4.73 13.13
CA GLN F 51 14.54 5.76 12.40
C GLN F 51 13.76 5.12 11.26
N PHE F 52 12.68 5.78 10.86
CA PHE F 52 11.80 5.26 9.81
C PHE F 52 11.35 6.42 8.93
N MET F 53 11.60 6.30 7.63
CA MET F 53 11.14 7.28 6.66
C MET F 53 9.71 6.96 6.24
N ALA F 54 8.88 7.99 6.16
CA ALA F 54 7.48 7.80 5.78
C ALA F 54 6.94 9.10 5.21
N HIS F 55 5.71 9.03 4.70
CA HIS F 55 5.01 10.18 4.15
C HIS F 55 3.93 10.61 5.14
N LYS F 56 3.86 11.91 5.42
CA LYS F 56 2.92 12.40 6.44
C LYS F 56 1.48 12.17 6.02
N VAL F 57 1.20 12.10 4.72
CA VAL F 57 -0.16 11.87 4.27
C VAL F 57 -0.54 10.39 4.42
N VAL F 58 0.40 9.48 4.14
CA VAL F 58 0.10 8.06 4.27
C VAL F 58 -0.14 7.69 5.72
N LEU F 59 0.66 8.23 6.63
CA LEU F 59 0.44 7.99 8.06
C LEU F 59 -0.85 8.64 8.53
N ALA F 60 -1.22 9.79 7.97
CA ALA F 60 -2.46 10.44 8.34
C ALA F 60 -3.69 9.70 7.80
N SER F 61 -3.50 8.80 6.83
CA SER F 61 -4.59 8.08 6.21
C SER F 61 -4.92 6.77 6.92
N SER F 62 -4.07 6.31 7.83
CA SER F 62 -4.27 5.03 8.50
C SER F 62 -4.30 5.14 10.02
N SER F 63 -4.07 6.33 10.58
CA SER F 63 -4.15 6.52 12.02
C SER F 63 -4.57 7.97 12.26
N PRO F 64 -5.60 8.20 13.07
CA PRO F 64 -6.07 9.59 13.28
C PRO F 64 -5.13 10.44 14.11
N VAL F 65 -4.26 9.84 14.93
CA VAL F 65 -3.36 10.66 15.74
C VAL F 65 -2.20 11.19 14.90
N PHE F 66 -1.78 10.45 13.88
CA PHE F 66 -0.84 11.01 12.91
C PHE F 66 -1.50 12.09 12.07
N LYS F 67 -2.80 11.95 11.80
CA LYS F 67 -3.52 13.02 11.11
C LYS F 67 -3.69 14.22 12.02
N ALA F 68 -3.92 14.00 13.32
CA ALA F 68 -4.02 15.12 14.26
C ALA F 68 -2.66 15.75 14.52
N MET F 69 -1.58 14.96 14.40
CA MET F 69 -0.25 15.49 14.64
C MET F 69 0.24 16.35 13.47
N PHE F 70 0.05 15.86 12.24
CA PHE F 70 0.59 16.55 11.08
C PHE F 70 -0.30 17.66 10.56
N THR F 71 -1.58 17.67 10.93
CA THR F 71 -2.46 18.77 10.56
C THR F 71 -2.45 19.91 11.56
N ASN F 72 -1.78 19.74 12.71
CA ASN F 72 -1.61 20.85 13.63
C ASN F 72 -0.81 21.96 12.95
N GLY F 73 -1.33 23.18 13.06
CA GLY F 73 -0.75 24.29 12.29
C GLY F 73 0.72 24.55 12.60
N LEU F 74 1.17 24.18 13.80
CA LEU F 74 2.55 24.42 14.21
C LEU F 74 3.40 23.19 13.88
N ARG F 75 3.62 22.99 12.59
CA ARG F 75 4.49 21.94 12.09
C ARG F 75 5.55 22.55 11.18
N GLU F 76 6.74 21.95 11.22
CA GLU F 76 7.88 22.48 10.47
C GLU F 76 7.63 22.40 8.98
N GLN F 77 8.41 23.19 8.22
CA GLN F 77 8.32 23.22 6.78
C GLN F 77 9.20 22.14 6.17
N GLY F 78 8.66 21.45 5.16
CA GLY F 78 9.42 20.42 4.49
C GLY F 78 9.59 19.20 5.38
N MET F 79 10.79 18.61 5.31
CA MET F 79 11.09 17.42 6.09
C MET F 79 11.25 17.78 7.56
N GLU F 80 10.37 17.25 8.40
CA GLU F 80 10.45 17.43 9.84
C GLU F 80 10.73 16.09 10.51
N VAL F 81 11.37 16.15 11.69
CA VAL F 81 11.73 14.97 12.46
C VAL F 81 10.91 14.98 13.73
N VAL F 82 10.18 13.89 13.98
CA VAL F 82 9.37 13.75 15.19
C VAL F 82 9.94 12.60 16.02
N SER F 83 10.06 12.83 17.33
CA SER F 83 10.53 11.81 18.25
C SER F 83 9.35 10.95 18.69
N ILE F 84 9.53 9.64 18.65
CA ILE F 84 8.46 8.69 18.96
C ILE F 84 8.96 7.83 20.12
N GLU F 85 8.51 8.13 21.33
CA GLU F 85 8.89 7.39 22.52
C GLU F 85 7.68 6.62 23.06
N GLY F 86 7.97 5.73 24.01
CA GLY F 86 6.93 4.92 24.62
C GLY F 86 6.44 3.76 23.78
N ILE F 87 7.15 3.38 22.73
CA ILE F 87 6.77 2.27 21.88
C ILE F 87 8.02 1.69 21.24
N HIS F 88 8.08 0.36 21.17
CA HIS F 88 9.28 -0.31 20.70
C HIS F 88 9.44 -0.09 19.19
N PRO F 89 10.69 0.00 18.72
CA PRO F 89 10.91 0.15 17.26
C PRO F 89 10.33 -1.01 16.45
N LYS F 90 10.38 -2.23 16.98
CA LYS F 90 9.79 -3.37 16.27
C LYS F 90 8.28 -3.24 16.19
N VAL F 91 7.64 -2.82 17.29
CA VAL F 91 6.19 -2.61 17.27
C VAL F 91 5.82 -1.48 16.33
N MET F 92 6.66 -0.43 16.30
CA MET F 92 6.35 0.74 15.46
C MET F 92 6.47 0.41 13.99
N GLU F 93 7.57 -0.26 13.59
CA GLU F 93 7.80 -0.51 12.17
C GLU F 93 6.74 -1.43 11.56
N ARG F 94 6.03 -2.21 12.38
CA ARG F 94 4.97 -3.05 11.88
C ARG F 94 3.64 -2.32 11.79
N LEU F 95 3.46 -1.25 12.56
CA LEU F 95 2.34 -0.36 12.32
C LEU F 95 2.56 0.47 11.07
N ILE F 96 3.82 0.80 10.76
CA ILE F 96 4.12 1.54 9.53
C ILE F 96 3.91 0.65 8.32
N GLU F 97 4.28 -0.64 8.42
CA GLU F 97 4.07 -1.54 7.31
C GLU F 97 2.58 -1.81 7.09
N PHE F 98 1.80 -1.87 8.16
CA PHE F 98 0.34 -1.99 8.01
C PHE F 98 -0.24 -0.75 7.36
N ALA F 99 0.36 0.41 7.59
CA ALA F 99 -0.13 1.64 6.96
C ALA F 99 0.05 1.60 5.44
N TYR F 100 1.10 0.94 4.96
CA TYR F 100 1.43 0.91 3.54
C TYR F 100 1.02 -0.39 2.86
N THR F 101 0.80 -1.47 3.59
CA THR F 101 0.50 -2.77 3.00
C THR F 101 -0.82 -3.37 3.46
N ALA F 102 -1.54 -2.72 4.38
CA ALA F 102 -2.80 -3.20 4.92
C ALA F 102 -2.66 -4.57 5.58
N SER F 103 -1.43 -4.97 5.93
CA SER F 103 -1.17 -6.26 6.56
C SER F 103 -0.11 -6.08 7.64
N ILE F 104 -0.16 -6.92 8.66
CA ILE F 104 0.79 -6.86 9.76
C ILE F 104 1.03 -8.28 10.26
N SER F 105 2.27 -8.56 10.65
CA SER F 105 2.66 -9.86 11.18
C SER F 105 3.36 -9.68 12.52
N MET F 106 3.28 -10.70 13.36
CA MET F 106 3.82 -10.62 14.71
C MET F 106 3.95 -12.02 15.29
N GLY F 107 4.64 -12.11 16.43
CA GLY F 107 4.81 -13.35 17.14
C GLY F 107 3.77 -13.54 18.24
N GLU F 108 3.76 -14.75 18.81
CA GLU F 108 2.77 -15.08 19.84
C GLU F 108 2.98 -14.23 21.09
N LYS F 109 4.24 -14.11 21.54
CA LYS F 109 4.56 -13.37 22.74
C LYS F 109 4.65 -11.87 22.51
N CYS F 110 4.00 -11.34 21.46
CA CYS F 110 4.09 -9.92 21.15
C CYS F 110 2.77 -9.32 20.69
N VAL F 111 1.69 -10.10 20.63
CA VAL F 111 0.41 -9.56 20.16
C VAL F 111 -0.12 -8.50 21.12
N LEU F 112 0.21 -8.60 22.41
CA LEU F 112 -0.24 -7.60 23.37
C LEU F 112 0.47 -6.26 23.15
N HIS F 113 1.77 -6.30 22.90
CA HIS F 113 2.51 -5.06 22.67
C HIS F 113 2.12 -4.40 21.36
N VAL F 114 1.65 -5.18 20.39
CA VAL F 114 1.24 -4.59 19.12
C VAL F 114 -0.06 -3.83 19.28
N MET F 115 -1.05 -4.44 19.95
CA MET F 115 -2.31 -3.75 20.18
C MET F 115 -2.14 -2.55 21.10
N ASN F 116 -1.12 -2.55 21.96
CA ASN F 116 -0.84 -1.39 22.79
C ASN F 116 -0.28 -0.24 21.97
N GLY F 117 0.69 -0.54 21.09
CA GLY F 117 1.17 0.47 20.17
C GLY F 117 0.12 0.89 19.16
N ALA F 118 -0.86 0.04 18.90
CA ALA F 118 -1.93 0.42 17.98
C ALA F 118 -3.02 1.20 18.68
N VAL F 119 -3.29 0.89 19.95
CA VAL F 119 -4.17 1.72 20.77
C VAL F 119 -3.60 3.13 20.89
N MET F 120 -2.28 3.23 21.09
CA MET F 120 -1.63 4.52 21.19
C MET F 120 -1.81 5.35 19.93
N TYR F 121 -1.95 4.70 18.78
CA TYR F 121 -2.12 5.39 17.51
C TYR F 121 -3.50 5.15 16.90
N GLN F 122 -4.38 4.45 17.61
CA GLN F 122 -5.80 4.34 17.25
C GLN F 122 -5.99 3.74 15.85
N ILE F 123 -5.25 2.67 15.58
CA ILE F 123 -5.46 1.89 14.37
C ILE F 123 -6.36 0.71 14.71
N ASP F 124 -7.64 0.98 14.92
CA ASP F 124 -8.58 -0.02 15.42
C ASP F 124 -8.70 -1.24 14.51
N SER F 125 -8.10 -1.19 13.32
CA SER F 125 -8.09 -2.37 12.44
C SER F 125 -7.35 -3.52 13.13
N VAL F 126 -6.11 -3.27 13.58
CA VAL F 126 -5.32 -4.31 14.24
C VAL F 126 -5.50 -4.30 15.75
N VAL F 127 -6.15 -3.28 16.32
CA VAL F 127 -6.43 -3.30 17.75
C VAL F 127 -7.42 -4.42 18.08
N ARG F 128 -8.47 -4.55 17.29
CA ARG F 128 -9.42 -5.64 17.49
C ARG F 128 -8.87 -6.98 17.02
N ALA F 129 -7.98 -6.97 16.02
CA ALA F 129 -7.40 -8.20 15.52
C ALA F 129 -6.57 -8.90 16.60
N CYS F 130 -5.84 -8.11 17.39
CA CYS F 130 -5.06 -8.70 18.49
C CYS F 130 -5.92 -8.97 19.71
N ALA F 131 -6.92 -8.12 19.97
CA ALA F 131 -7.78 -8.32 21.14
C ALA F 131 -8.62 -9.58 20.99
N ASP F 132 -9.08 -9.87 19.78
CA ASP F 132 -9.81 -11.12 19.55
C ASP F 132 -8.88 -12.32 19.71
N PHE F 133 -7.64 -12.20 19.26
CA PHE F 133 -6.69 -13.30 19.38
C PHE F 133 -6.32 -13.55 20.84
N LEU F 134 -6.29 -12.50 21.66
CA LEU F 134 -5.91 -12.66 23.06
C LEU F 134 -7.03 -13.30 23.89
N VAL F 135 -8.29 -13.10 23.50
CA VAL F 135 -9.39 -13.69 24.26
C VAL F 135 -9.73 -15.10 23.76
N GLN F 136 -9.46 -15.39 22.50
CA GLN F 136 -9.69 -16.73 21.95
C GLN F 136 -8.60 -17.72 22.37
N GLN F 137 -7.65 -17.31 23.20
CA GLN F 137 -6.65 -18.24 23.71
C GLN F 137 -7.14 -18.89 24.99
N LEU F 138 -8.47 -19.01 25.14
CA LEU F 138 -9.06 -19.56 26.34
C LEU F 138 -10.05 -20.67 26.01
C10 9HB G . -20.45 -42.22 7.08
C01 9HB G . -23.77 -40.03 14.55
O02 9HB G . -23.45 -41.11 13.72
C03 9HB G . -22.43 -40.82 12.80
O04 9HB G . -21.41 -40.37 13.18
C05 9HB G . -22.63 -41.10 11.31
C06 9HB G . -21.41 -41.77 10.70
C07 9HB G . -21.35 -41.64 9.17
O08 9HB G . -21.92 -40.75 8.64
O09 9HB G . -20.64 -42.58 8.42
C10 9HB H . 5.83 -14.93 -24.51
C01 9HB H . -0.91 -11.88 -23.81
O02 9HB H . 0.47 -11.72 -24.01
C03 9HB H . 0.96 -12.31 -25.19
O04 9HB H . 0.19 -12.77 -25.98
C05 9HB H . 2.46 -12.38 -25.45
C06 9HB H . 2.85 -13.67 -26.17
C07 9HB H . 4.35 -13.96 -26.05
O08 9HB H . 4.98 -14.25 -27.00
O09 9HB H . 4.97 -13.86 -24.80
C10 9HB I . 6.04 -9.77 15.22
C01 9HB I . 7.75 -5.00 21.80
O02 9HB I . 7.24 -6.22 21.37
C03 9HB I . 7.94 -6.79 20.30
O04 9HB I . 9.05 -6.44 20.07
C05 9HB I . 7.28 -7.86 19.43
C06 9HB I . 7.32 -7.50 17.94
C07 9HB I . 6.44 -8.43 17.11
O08 9HB I . 5.30 -8.55 17.37
O09 9HB I . 6.99 -9.13 16.03
#